data_1DKG
#
_entry.id   1DKG
#
_cell.length_a   149.430
_cell.length_b   149.430
_cell.length_c   49.030
_cell.angle_alpha   90.00
_cell.angle_beta   90.00
_cell.angle_gamma   90.00
#
_symmetry.space_group_name_H-M   'P 41'
#
loop_
_entity.id
_entity.type
_entity.pdbx_description
1 polymer 'NUCLEOTIDE EXCHANGE FACTOR GRPE'
2 polymer 'MOLECULAR CHAPERONE DNAK'
3 water water
#
loop_
_entity_poly.entity_id
_entity_poly.type
_entity_poly.pdbx_seq_one_letter_code
_entity_poly.pdbx_strand_id
1 'polypeptide(L)'
;MSSKEQKTPEGQAPEEIIMDQHEEIEAVEPEASAEQVDPRDEKVANLEAQLAEAQTRERDGILRVKAEMENLRRRTELDI
EKAHKFALEKFINELLPVIDSLDRALEVADKANPDMSAMVEDIELTLKSMLDVVRKFGVEVIAETNVPLDPNVHQAIAMV
ESDDVAPGNVLGIMQKGYTLNGRTIRAAMVTVAKAKA
;
A,B
2 'polypeptide(L)'
;MGKIIGIDLGTTNSCVAIMDGTTPRVLENAEGDRTTPSIIAYTQDGETLVGQPAKRQAVTNPQNTLFAIKRLIGRRFQDE
EVQRDVSIMPFKIIAADNGDAWVEVKGQKMAPPQISAEVLKKMKKTAEDYLGEPVTEAVITVPAYFNDAQRQATKDAGRI
AGLEVKRIINEPTAAALAYGLDKGTGNRTIAVYDLGGGTFDISIIEIDEVDGEKTFEVLATNGDTHLGGEDFDSRLINYL
VEEFKKDQGIDLRNDPLAMQRLKEAAEKAKIELSSAQQTDVNLPYITADATGPKHMNIKVTRAKLESLVEDLVNRSIELL
KVALQDAGLSVSDIDDVILVGGQTRMPMVQKKVAEFFGKEPRKDVNPDEAVAIGAAVQGGVLT
;
D
#
# COMPACT_ATOMS: atom_id res chain seq x y z
N ALA A 34 -23.13 -4.25 -65.62
CA ALA A 34 -21.79 -4.60 -66.11
C ALA A 34 -21.55 -6.12 -66.02
N GLU A 35 -22.04 -6.87 -67.00
CA GLU A 35 -21.89 -8.33 -66.96
C GLU A 35 -20.52 -8.83 -66.43
N GLN A 36 -20.60 -9.88 -65.62
CA GLN A 36 -19.45 -10.49 -65.00
C GLN A 36 -19.78 -11.97 -64.74
N VAL A 37 -20.10 -12.69 -65.80
CA VAL A 37 -20.42 -14.10 -65.65
C VAL A 37 -19.18 -14.91 -65.99
N ASP A 38 -18.25 -14.30 -66.72
CA ASP A 38 -17.02 -14.99 -67.05
C ASP A 38 -16.29 -15.22 -65.72
N PRO A 39 -16.08 -16.47 -65.31
CA PRO A 39 -15.38 -16.61 -64.04
C PRO A 39 -14.10 -15.79 -63.94
N ARG A 40 -13.36 -15.72 -65.04
CA ARG A 40 -12.12 -14.99 -65.05
C ARG A 40 -12.29 -13.49 -64.79
N ASP A 41 -13.51 -13.02 -64.96
CA ASP A 41 -13.81 -11.60 -64.73
C ASP A 41 -14.15 -11.39 -63.25
N GLU A 42 -14.82 -12.37 -62.65
CA GLU A 42 -15.20 -12.36 -61.24
C GLU A 42 -13.99 -12.74 -60.43
N LYS A 43 -12.92 -13.15 -61.11
CA LYS A 43 -11.70 -13.52 -60.40
C LYS A 43 -10.89 -12.26 -60.22
N VAL A 44 -10.88 -11.45 -61.27
CA VAL A 44 -10.16 -10.17 -61.24
C VAL A 44 -10.93 -9.28 -60.26
N ALA A 45 -12.25 -9.45 -60.26
CA ALA A 45 -13.12 -8.68 -59.40
C ALA A 45 -12.97 -9.06 -57.95
N ASN A 46 -12.42 -10.24 -57.70
CA ASN A 46 -12.21 -10.76 -56.35
C ASN A 46 -10.89 -10.17 -55.82
N LEU A 47 -9.80 -10.44 -56.54
CA LEU A 47 -8.50 -9.92 -56.18
C LEU A 47 -8.64 -8.46 -55.91
N GLU A 48 -9.43 -7.78 -56.75
CA GLU A 48 -9.65 -6.36 -56.59
C GLU A 48 -10.27 -6.04 -55.23
N ALA A 49 -11.08 -6.97 -54.74
CA ALA A 49 -11.76 -6.79 -53.47
C ALA A 49 -10.82 -7.09 -52.32
N GLN A 50 -10.10 -8.19 -52.41
CA GLN A 50 -9.18 -8.51 -51.35
C GLN A 50 -8.29 -7.29 -51.16
N LEU A 51 -7.53 -6.94 -52.19
CA LEU A 51 -6.65 -5.80 -52.09
C LEU A 51 -7.27 -4.59 -51.45
N ALA A 52 -8.56 -4.35 -51.71
CA ALA A 52 -9.25 -3.20 -51.11
C ALA A 52 -9.36 -3.42 -49.61
N GLU A 53 -9.58 -4.68 -49.22
CA GLU A 53 -9.64 -5.07 -47.83
C GLU A 53 -8.24 -4.83 -47.22
N ALA A 54 -7.24 -5.38 -47.89
CA ALA A 54 -5.84 -5.28 -47.48
C ALA A 54 -5.53 -3.85 -47.19
N GLN A 55 -5.83 -2.99 -48.16
CA GLN A 55 -5.57 -1.59 -47.98
C GLN A 55 -6.28 -1.07 -46.75
N THR A 56 -7.49 -1.55 -46.51
CA THR A 56 -8.25 -1.15 -45.35
C THR A 56 -7.57 -1.57 -44.06
N ARG A 57 -7.36 -2.87 -43.89
CA ARG A 57 -6.68 -3.35 -42.69
C ARG A 57 -5.44 -2.51 -42.42
N GLU A 58 -4.49 -2.55 -43.35
CA GLU A 58 -3.26 -1.78 -43.22
C GLU A 58 -3.42 -0.36 -42.68
N ARG A 59 -4.25 0.43 -43.36
CA ARG A 59 -4.51 1.81 -42.98
C ARG A 59 -4.92 1.90 -41.51
N ASP A 60 -5.94 1.15 -41.16
CA ASP A 60 -6.41 1.17 -39.80
C ASP A 60 -5.48 0.40 -38.89
N GLY A 61 -5.09 -0.80 -39.26
CA GLY A 61 -4.18 -1.56 -38.42
C GLY A 61 -2.89 -0.79 -38.13
N ILE A 62 -2.63 0.25 -38.91
CA ILE A 62 -1.43 1.07 -38.72
C ILE A 62 -1.73 2.32 -37.89
N LEU A 63 -3.00 2.67 -37.81
CA LEU A 63 -3.47 3.83 -37.06
C LEU A 63 -3.62 3.54 -35.55
N ARG A 64 -4.02 2.32 -35.23
CA ARG A 64 -4.19 1.91 -33.83
C ARG A 64 -2.84 1.66 -33.17
N VAL A 65 -1.85 1.25 -33.96
CA VAL A 65 -0.52 1.00 -33.42
C VAL A 65 0.23 2.32 -33.42
N LYS A 66 -0.34 3.33 -34.04
CA LYS A 66 0.29 4.64 -34.03
C LYS A 66 -0.29 5.29 -32.78
N ALA A 67 -1.62 5.28 -32.70
CA ALA A 67 -2.29 5.83 -31.55
C ALA A 67 -1.82 5.07 -30.33
N GLU A 68 -1.65 3.76 -30.49
CA GLU A 68 -1.22 2.92 -29.39
C GLU A 68 0.04 3.38 -28.66
N MET A 69 0.99 3.96 -29.39
CA MET A 69 2.23 4.46 -28.78
C MET A 69 2.00 5.88 -28.27
N GLU A 70 1.17 6.63 -28.98
CA GLU A 70 0.85 7.97 -28.56
C GLU A 70 0.46 7.90 -27.08
N ASN A 71 -0.23 6.82 -26.72
CA ASN A 71 -0.68 6.57 -25.35
C ASN A 71 0.47 6.22 -24.43
N LEU A 72 1.49 5.56 -24.99
CA LEU A 72 2.66 5.17 -24.21
C LEU A 72 3.59 6.36 -24.00
N ARG A 73 3.38 7.41 -24.78
CA ARG A 73 4.21 8.56 -24.61
C ARG A 73 3.58 9.39 -23.52
N ARG A 74 2.25 9.36 -23.46
CA ARG A 74 1.56 10.12 -22.41
C ARG A 74 1.97 9.56 -21.07
N ARG A 75 2.02 8.24 -20.99
CA ARG A 75 2.44 7.57 -19.77
C ARG A 75 3.92 7.84 -19.45
N THR A 76 4.84 7.48 -20.33
CA THR A 76 6.25 7.70 -20.01
C THR A 76 6.47 9.08 -19.40
N GLU A 77 5.75 10.09 -19.89
CA GLU A 77 5.90 11.43 -19.36
C GLU A 77 5.40 11.42 -17.92
N LEU A 78 4.20 10.91 -17.70
CA LEU A 78 3.67 10.83 -16.36
C LEU A 78 4.63 10.00 -15.50
N ASP A 79 4.79 8.72 -15.80
CA ASP A 79 5.71 7.90 -15.02
C ASP A 79 6.95 8.67 -14.60
N ILE A 80 7.43 9.55 -15.48
CA ILE A 80 8.63 10.34 -15.21
C ILE A 80 8.43 11.50 -14.25
N GLU A 81 7.45 12.32 -14.57
CA GLU A 81 7.10 13.46 -13.74
C GLU A 81 6.73 12.95 -12.33
N LYS A 82 6.28 11.70 -12.26
CA LYS A 82 5.89 11.05 -11.00
C LYS A 82 7.13 10.65 -10.22
N ALA A 83 7.95 9.82 -10.82
CA ALA A 83 9.17 9.37 -10.17
C ALA A 83 10.11 10.55 -9.88
N HIS A 84 9.74 11.73 -10.36
CA HIS A 84 10.59 12.88 -10.08
C HIS A 84 10.14 13.44 -8.75
N LYS A 85 8.83 13.58 -8.62
CA LYS A 85 8.20 14.10 -7.43
C LYS A 85 8.40 13.18 -6.25
N PHE A 86 8.27 11.89 -6.48
CA PHE A 86 8.39 10.99 -5.36
C PHE A 86 9.53 10.00 -5.33
N ALA A 87 10.67 10.42 -5.86
CA ALA A 87 11.85 9.56 -5.91
C ALA A 87 12.23 9.22 -4.49
N LEU A 88 12.53 10.28 -3.74
CA LEU A 88 12.94 10.14 -2.33
C LEU A 88 11.83 9.72 -1.33
N GLU A 89 10.57 9.78 -1.73
CA GLU A 89 9.51 9.41 -0.83
C GLU A 89 9.81 8.19 0.02
N LYS A 90 10.32 7.12 -0.53
CA LYS A 90 10.57 5.97 0.35
C LYS A 90 11.60 6.22 1.41
N PHE A 91 12.65 6.94 1.03
CA PHE A 91 13.75 7.29 1.92
C PHE A 91 13.21 8.26 2.96
N ILE A 92 12.88 9.46 2.51
CA ILE A 92 12.34 10.51 3.35
C ILE A 92 11.11 10.08 4.17
N ASN A 93 10.72 8.83 4.01
CA ASN A 93 9.59 8.24 4.71
C ASN A 93 10.17 7.34 5.78
N GLU A 94 11.36 6.82 5.53
CA GLU A 94 12.00 5.95 6.50
C GLU A 94 12.73 6.74 7.58
N LEU A 95 12.78 8.06 7.40
CA LEU A 95 13.43 8.97 8.34
C LEU A 95 12.42 9.62 9.28
N LEU A 96 11.14 9.50 8.96
CA LEU A 96 10.12 10.09 9.81
C LEU A 96 10.31 9.58 11.23
N PRO A 97 10.56 8.28 11.41
CA PRO A 97 10.74 7.71 12.76
C PRO A 97 12.07 8.15 13.42
N VAL A 98 12.90 8.83 12.64
CA VAL A 98 14.15 9.37 13.11
C VAL A 98 13.90 10.83 13.47
N ILE A 99 12.97 11.48 12.78
CA ILE A 99 12.68 12.84 13.17
C ILE A 99 11.92 12.62 14.49
N ASP A 100 11.04 11.63 14.52
CA ASP A 100 10.26 11.32 15.70
C ASP A 100 11.03 11.02 17.01
N SER A 101 11.99 10.12 17.00
CA SER A 101 12.72 9.87 18.25
C SER A 101 13.49 11.11 18.70
N LEU A 102 13.79 11.98 17.74
CA LEU A 102 14.53 13.20 18.02
C LEU A 102 13.69 14.17 18.78
N ASP A 103 12.52 14.49 18.27
CA ASP A 103 11.72 15.43 19.02
C ASP A 103 11.13 14.71 20.22
N ARG A 104 11.03 13.39 20.13
CA ARG A 104 10.50 12.61 21.25
C ARG A 104 11.47 12.81 22.40
N ALA A 105 12.73 12.96 22.05
CA ALA A 105 13.79 13.14 23.01
C ALA A 105 13.76 14.53 23.57
N LEU A 106 13.01 15.43 22.94
CA LEU A 106 12.93 16.79 23.43
C LEU A 106 11.71 16.91 24.32
N GLU A 107 10.76 16.02 24.07
CA GLU A 107 9.50 15.95 24.82
C GLU A 107 9.83 15.46 26.23
N VAL A 108 10.35 14.25 26.37
CA VAL A 108 10.71 13.70 27.68
C VAL A 108 11.69 14.64 28.40
N ALA A 109 12.51 15.36 27.66
CA ALA A 109 13.44 16.28 28.31
C ALA A 109 12.61 17.19 29.23
N MET A 116 23.07 21.11 31.23
CA MET A 116 22.40 20.37 30.16
C MET A 116 21.46 21.24 29.31
N SER A 117 21.61 22.55 29.40
CA SER A 117 20.76 23.45 28.62
C SER A 117 21.18 23.37 27.16
N ALA A 118 22.49 23.29 26.94
CA ALA A 118 23.07 23.21 25.59
C ALA A 118 22.60 21.98 24.80
N MET A 119 22.72 20.79 25.39
CA MET A 119 22.29 19.57 24.71
C MET A 119 20.90 19.72 24.12
N VAL A 120 20.05 20.47 24.81
CA VAL A 120 18.71 20.67 24.29
C VAL A 120 18.73 21.67 23.12
N GLU A 121 19.39 22.79 23.28
CA GLU A 121 19.45 23.73 22.17
C GLU A 121 20.18 23.06 21.03
N ASP A 122 21.00 22.07 21.37
CA ASP A 122 21.75 21.34 20.37
C ASP A 122 20.80 20.45 19.55
N ILE A 123 20.05 19.59 20.24
CA ILE A 123 19.09 18.70 19.60
C ILE A 123 17.86 19.43 19.07
N GLU A 124 17.77 20.72 19.33
CA GLU A 124 16.66 21.53 18.85
C GLU A 124 17.13 22.10 17.51
N LEU A 125 18.43 22.33 17.42
CA LEU A 125 19.06 22.82 16.20
C LEU A 125 19.14 21.72 15.15
N THR A 126 19.43 20.50 15.60
CA THR A 126 19.49 19.32 14.73
C THR A 126 18.14 19.12 14.05
N LEU A 127 17.11 18.96 14.87
CA LEU A 127 15.75 18.78 14.39
C LEU A 127 15.41 19.90 13.41
N LYS A 128 16.05 21.04 13.55
CA LYS A 128 15.79 22.17 12.65
C LYS A 128 16.51 22.00 11.31
N SER A 129 17.69 21.43 11.34
CA SER A 129 18.43 21.24 10.10
C SER A 129 17.81 20.08 9.37
N MET A 130 17.34 19.09 10.11
CA MET A 130 16.71 17.94 9.50
C MET A 130 15.51 18.38 8.72
N LEU A 131 14.55 18.99 9.43
CA LEU A 131 13.33 19.48 8.81
C LEU A 131 13.60 20.43 7.66
N ASP A 132 14.41 21.43 7.94
CA ASP A 132 14.79 22.39 6.92
C ASP A 132 15.42 21.74 5.68
N VAL A 133 16.11 20.61 5.87
CA VAL A 133 16.73 19.89 4.77
C VAL A 133 15.73 19.09 3.93
N VAL A 134 14.86 18.30 4.57
CA VAL A 134 13.86 17.55 3.83
C VAL A 134 12.94 18.55 3.16
N ARG A 135 12.79 19.72 3.76
CA ARG A 135 11.95 20.74 3.16
C ARG A 135 12.65 21.16 1.88
N LYS A 136 13.98 21.01 1.82
CA LYS A 136 14.74 21.34 0.61
C LYS A 136 14.24 20.45 -0.50
N PHE A 137 14.06 19.18 -0.19
CA PHE A 137 13.57 18.24 -1.17
C PHE A 137 12.04 18.14 -1.21
N GLY A 138 11.38 19.28 -1.33
CA GLY A 138 9.92 19.31 -1.43
C GLY A 138 9.02 18.88 -0.28
N VAL A 139 9.58 18.65 0.90
CA VAL A 139 8.75 18.25 2.04
C VAL A 139 8.32 19.40 2.94
N GLU A 140 7.04 19.45 3.24
CA GLU A 140 6.58 20.48 4.15
C GLU A 140 6.01 19.76 5.37
N VAL A 141 6.02 20.44 6.50
CA VAL A 141 5.55 19.84 7.72
C VAL A 141 4.14 20.32 8.08
N ILE A 142 3.24 19.36 8.29
CA ILE A 142 1.86 19.61 8.69
C ILE A 142 1.89 19.70 10.23
N ALA A 143 1.71 20.90 10.77
CA ALA A 143 1.72 21.07 12.21
C ALA A 143 1.15 22.44 12.60
N GLU A 144 0.08 22.85 11.94
CA GLU A 144 -0.54 24.14 12.20
C GLU A 144 -1.96 24.02 12.78
N THR A 145 -2.12 24.49 14.03
CA THR A 145 -3.40 24.47 14.75
C THR A 145 -4.46 25.48 14.26
N ASN A 146 -5.58 25.54 14.98
CA ASN A 146 -6.71 26.42 14.62
C ASN A 146 -6.99 26.58 13.12
N VAL A 147 -7.22 25.45 12.45
CA VAL A 147 -7.51 25.38 11.03
C VAL A 147 -8.52 24.27 10.99
N PRO A 148 -9.52 24.34 10.11
CA PRO A 148 -10.44 23.21 10.18
C PRO A 148 -9.73 21.89 9.90
N LEU A 149 -10.34 20.80 10.36
CA LEU A 149 -9.79 19.48 10.14
C LEU A 149 -9.86 19.19 8.64
N ASP A 150 -8.72 18.82 8.08
CA ASP A 150 -8.60 18.51 6.68
C ASP A 150 -8.11 17.08 6.63
N PRO A 151 -9.01 16.12 6.37
CA PRO A 151 -8.67 14.71 6.28
C PRO A 151 -7.68 14.35 5.18
N ASN A 152 -7.24 15.34 4.42
CA ASN A 152 -6.29 15.08 3.36
C ASN A 152 -4.91 15.05 3.93
N VAL A 153 -4.77 15.62 5.12
CA VAL A 153 -3.47 15.70 5.77
C VAL A 153 -3.60 15.86 7.26
N HIS A 154 -4.68 15.32 7.82
CA HIS A 154 -4.97 15.42 9.25
C HIS A 154 -5.57 14.14 9.73
N GLN A 155 -5.28 13.76 10.96
CA GLN A 155 -5.89 12.54 11.47
C GLN A 155 -6.47 12.84 12.84
N ALA A 156 -7.75 13.14 12.90
CA ALA A 156 -8.35 13.45 14.19
C ALA A 156 -8.13 12.24 15.03
N ILE A 157 -7.41 12.41 16.11
CA ILE A 157 -7.15 11.27 16.95
C ILE A 157 -7.98 11.36 18.23
N ALA A 158 -8.77 12.42 18.36
CA ALA A 158 -9.57 12.61 19.56
C ALA A 158 -10.34 13.94 19.57
N MET A 159 -11.53 13.92 20.16
CA MET A 159 -12.36 15.11 20.28
C MET A 159 -12.10 15.65 21.66
N VAL A 160 -11.97 16.95 21.78
CA VAL A 160 -11.69 17.52 23.08
C VAL A 160 -12.61 18.71 23.32
N GLU A 161 -13.23 18.75 24.49
CA GLU A 161 -14.12 19.86 24.81
C GLU A 161 -13.31 21.12 25.08
N SER A 162 -13.22 21.98 24.08
CA SER A 162 -12.46 23.22 24.27
C SER A 162 -13.05 24.40 23.53
N ASP A 163 -12.76 25.59 24.05
CA ASP A 163 -13.23 26.84 23.45
C ASP A 163 -11.98 27.62 22.99
N ASP A 164 -10.83 26.96 23.08
CA ASP A 164 -9.61 27.62 22.66
C ASP A 164 -9.70 27.90 21.14
N VAL A 165 -10.52 27.12 20.44
CA VAL A 165 -10.77 27.33 19.00
C VAL A 165 -12.14 26.85 18.52
N ALA A 166 -12.55 27.34 17.36
CA ALA A 166 -13.84 27.00 16.80
C ALA A 166 -14.05 25.49 16.69
N PRO A 167 -15.26 25.02 17.03
CA PRO A 167 -15.51 23.58 16.94
C PRO A 167 -15.16 23.05 15.55
N GLY A 168 -14.45 21.92 15.50
CA GLY A 168 -14.08 21.32 14.23
C GLY A 168 -12.65 21.56 13.77
N ASN A 169 -11.98 22.55 14.34
CA ASN A 169 -10.61 22.89 13.98
C ASN A 169 -9.59 22.10 14.74
N VAL A 170 -8.41 21.97 14.19
CA VAL A 170 -7.40 21.22 14.91
C VAL A 170 -7.13 22.08 16.13
N LEU A 171 -7.17 21.44 17.29
CA LEU A 171 -6.96 22.10 18.59
C LEU A 171 -5.51 22.07 19.03
N GLY A 172 -4.78 21.06 18.58
CA GLY A 172 -3.36 20.93 18.91
C GLY A 172 -2.82 19.73 18.15
N ILE A 173 -1.51 19.63 17.93
CA ILE A 173 -1.05 18.45 17.23
C ILE A 173 -0.19 17.48 18.08
N MET A 174 -0.57 16.21 18.04
CA MET A 174 0.09 15.14 18.78
C MET A 174 1.34 14.71 18.08
N GLN A 175 1.34 14.92 16.77
CA GLN A 175 2.50 14.52 15.98
C GLN A 175 2.55 15.08 14.54
N LYS A 176 3.66 15.75 14.23
CA LYS A 176 3.89 16.32 12.92
C LYS A 176 3.46 15.40 11.77
N GLY A 177 2.93 16.00 10.71
CA GLY A 177 2.54 15.24 9.54
C GLY A 177 3.33 15.79 8.37
N TYR A 178 3.87 14.92 7.53
CA TYR A 178 4.67 15.39 6.39
C TYR A 178 4.10 15.09 4.99
N THR A 179 4.27 16.03 4.06
CA THR A 179 3.82 15.85 2.67
C THR A 179 4.99 15.99 1.66
N LEU A 180 5.04 15.12 0.67
CA LEU A 180 6.10 15.18 -0.34
C LEU A 180 5.51 15.59 -1.69
N ASN A 181 5.84 16.79 -2.13
CA ASN A 181 5.33 17.31 -3.40
C ASN A 181 3.84 17.12 -3.66
N GLY A 182 3.00 17.30 -2.65
CA GLY A 182 1.58 17.15 -2.90
C GLY A 182 0.88 15.94 -2.32
N ARG A 183 1.55 14.78 -2.35
CA ARG A 183 0.97 13.56 -1.82
C ARG A 183 1.38 13.52 -0.35
N THR A 184 0.50 13.00 0.50
CA THR A 184 0.78 12.91 1.94
C THR A 184 1.57 11.64 2.28
N ILE A 185 2.69 11.78 3.00
CA ILE A 185 3.49 10.62 3.40
C ILE A 185 3.12 10.19 4.82
N ARG A 186 2.53 11.12 5.56
CA ARG A 186 2.09 10.82 6.91
C ARG A 186 1.22 11.96 7.40
N ALA A 187 -0.07 11.72 7.50
CA ALA A 187 -0.97 12.74 7.99
C ALA A 187 -0.59 13.08 9.43
N ALA A 188 -0.83 14.31 9.86
CA ALA A 188 -0.51 14.67 11.23
C ALA A 188 -1.61 14.06 12.11
N MET A 189 -1.27 13.76 13.37
CA MET A 189 -2.23 13.19 14.32
C MET A 189 -2.70 14.36 15.15
N VAL A 190 -3.86 14.91 14.80
CA VAL A 190 -4.36 16.07 15.49
C VAL A 190 -5.39 15.79 16.55
N THR A 191 -5.79 16.85 17.24
CA THR A 191 -6.76 16.84 18.30
C THR A 191 -7.82 17.87 17.90
N VAL A 192 -8.99 17.43 17.43
CA VAL A 192 -10.04 18.38 17.00
C VAL A 192 -10.86 18.96 18.16
N ALA A 193 -11.39 20.17 18.03
CA ALA A 193 -12.15 20.75 19.13
C ALA A 193 -13.70 20.73 19.07
N LYS A 194 -14.32 20.40 20.21
CA LYS A 194 -15.77 20.35 20.39
C LYS A 194 -16.19 21.49 21.30
N ALA A 195 -17.43 21.93 21.10
CA ALA A 195 -18.03 23.04 21.83
C ALA A 195 -18.02 23.03 23.37
N LYS A 196 -17.78 24.22 23.93
CA LYS A 196 -17.72 24.53 25.37
C LYS A 196 -18.08 23.39 26.36
N ALA A 197 -19.34 22.96 26.33
CA ALA A 197 -19.82 21.90 27.21
C ALA A 197 -21.26 21.54 26.89
N ASP B 38 -4.34 -12.18 -71.50
CA ASP B 38 -3.23 -11.29 -71.13
C ASP B 38 -3.73 -9.98 -70.48
N PRO B 39 -4.79 -9.37 -71.04
CA PRO B 39 -5.25 -8.13 -70.42
C PRO B 39 -5.58 -8.27 -68.91
N ARG B 40 -6.06 -9.45 -68.53
CA ARG B 40 -6.43 -9.74 -67.14
C ARG B 40 -5.36 -10.58 -66.43
N ASP B 41 -4.56 -11.31 -67.20
CA ASP B 41 -3.50 -12.13 -66.61
C ASP B 41 -2.43 -11.16 -66.03
N GLU B 42 -2.03 -10.21 -66.86
CA GLU B 42 -1.04 -9.20 -66.51
C GLU B 42 -1.61 -8.29 -65.44
N LYS B 43 -2.92 -8.16 -65.42
CA LYS B 43 -3.53 -7.34 -64.39
C LYS B 43 -3.68 -8.20 -63.17
N VAL B 44 -4.08 -9.47 -63.34
CA VAL B 44 -4.23 -10.32 -62.19
C VAL B 44 -2.94 -10.45 -61.43
N ALA B 45 -1.81 -10.34 -62.11
CA ALA B 45 -0.50 -10.43 -61.43
C ALA B 45 -0.25 -9.16 -60.56
N ASN B 46 -0.24 -8.00 -61.21
CA ASN B 46 0.00 -6.76 -60.50
C ASN B 46 -0.97 -6.54 -59.35
N LEU B 47 -2.14 -7.16 -59.42
CA LEU B 47 -3.13 -7.01 -58.33
C LEU B 47 -2.54 -7.81 -57.20
N GLU B 48 -2.21 -9.06 -57.47
CA GLU B 48 -1.63 -9.89 -56.44
C GLU B 48 -0.50 -9.16 -55.74
N ALA B 49 0.44 -8.64 -56.51
CA ALA B 49 1.56 -7.88 -55.94
C ALA B 49 1.00 -6.76 -55.07
N GLN B 50 0.31 -5.80 -55.68
CA GLN B 50 -0.28 -4.72 -54.93
C GLN B 50 -0.75 -5.24 -53.56
N LEU B 51 -1.19 -6.49 -53.52
CA LEU B 51 -1.66 -7.06 -52.26
C LEU B 51 -0.56 -7.48 -51.31
N ALA B 52 0.54 -8.01 -51.84
CA ALA B 52 1.67 -8.43 -51.00
C ALA B 52 2.32 -7.17 -50.40
N GLU B 53 2.38 -6.13 -51.21
CA GLU B 53 2.96 -4.88 -50.76
C GLU B 53 2.19 -4.42 -49.53
N ALA B 54 0.95 -4.00 -49.73
CA ALA B 54 0.13 -3.52 -48.61
C ALA B 54 0.07 -4.50 -47.44
N GLN B 55 0.25 -5.78 -47.73
CA GLN B 55 0.22 -6.81 -46.68
C GLN B 55 1.43 -6.67 -45.79
N THR B 56 2.59 -6.95 -46.38
CA THR B 56 3.86 -6.85 -45.67
C THR B 56 4.12 -5.43 -45.17
N ARG B 57 3.65 -4.43 -45.91
CA ARG B 57 3.84 -3.04 -45.52
C ARG B 57 3.16 -2.78 -44.17
N GLU B 58 2.04 -3.48 -43.93
CA GLU B 58 1.29 -3.35 -42.69
C GLU B 58 2.06 -4.10 -41.63
N ARG B 59 2.42 -5.33 -41.96
CA ARG B 59 3.15 -6.17 -41.02
C ARG B 59 4.37 -5.45 -40.50
N ASP B 60 5.31 -5.16 -41.40
CA ASP B 60 6.53 -4.46 -41.00
C ASP B 60 6.22 -3.13 -40.28
N GLY B 61 5.39 -2.30 -40.90
CA GLY B 61 5.03 -1.03 -40.27
C GLY B 61 4.65 -1.20 -38.81
N ILE B 62 3.90 -2.26 -38.51
CA ILE B 62 3.49 -2.56 -37.13
C ILE B 62 4.79 -2.75 -36.36
N LEU B 63 5.58 -3.74 -36.73
CA LEU B 63 6.85 -4.03 -36.07
C LEU B 63 7.70 -2.82 -35.74
N ARG B 64 7.98 -2.00 -36.75
CA ARG B 64 8.81 -0.82 -36.52
C ARG B 64 8.24 0.01 -35.40
N VAL B 65 6.92 0.24 -35.38
CA VAL B 65 6.35 1.04 -34.29
C VAL B 65 6.26 0.26 -32.99
N LYS B 66 6.28 -1.07 -33.07
CA LYS B 66 6.21 -1.89 -31.87
C LYS B 66 7.58 -2.12 -31.19
N ALA B 67 8.66 -1.95 -31.94
CA ALA B 67 9.99 -2.07 -31.35
C ALA B 67 10.39 -0.64 -31.05
N GLU B 68 9.72 0.27 -31.74
CA GLU B 68 9.92 1.72 -31.59
C GLU B 68 9.37 2.14 -30.24
N MET B 69 8.31 1.45 -29.83
CA MET B 69 7.65 1.72 -28.57
C MET B 69 8.44 1.14 -27.43
N GLU B 70 9.11 0.02 -27.68
CA GLU B 70 9.90 -0.67 -26.67
C GLU B 70 11.20 0.04 -26.31
N ASN B 71 11.70 0.82 -27.26
CA ASN B 71 12.91 1.57 -26.99
C ASN B 71 12.44 2.74 -26.17
N LEU B 72 11.34 3.36 -26.57
CA LEU B 72 10.82 4.48 -25.80
C LEU B 72 10.69 4.06 -24.35
N ARG B 73 10.21 2.83 -24.15
CA ARG B 73 10.05 2.30 -22.81
C ARG B 73 11.42 2.16 -22.13
N ARG B 74 12.20 1.20 -22.59
CA ARG B 74 13.55 0.92 -22.06
C ARG B 74 14.43 2.17 -21.83
N ARG B 75 14.21 3.18 -22.65
CA ARG B 75 14.94 4.43 -22.57
C ARG B 75 14.41 5.36 -21.47
N THR B 76 13.13 5.27 -21.14
CA THR B 76 12.60 6.13 -20.07
C THR B 76 12.92 5.51 -18.71
N GLU B 77 13.11 4.20 -18.65
CA GLU B 77 13.46 3.56 -17.39
C GLU B 77 14.83 4.11 -17.05
N LEU B 78 15.73 4.00 -18.01
CA LEU B 78 17.06 4.52 -17.82
C LEU B 78 16.96 5.91 -17.24
N ASP B 79 16.36 6.81 -18.02
CA ASP B 79 16.18 8.22 -17.66
C ASP B 79 15.53 8.50 -16.31
N ILE B 80 14.83 7.51 -15.75
CA ILE B 80 14.17 7.65 -14.44
C ILE B 80 15.09 7.11 -13.36
N GLU B 81 15.81 6.05 -13.71
CA GLU B 81 16.75 5.41 -12.79
C GLU B 81 18.06 6.19 -12.67
N LYS B 82 18.24 7.22 -13.48
CA LYS B 82 19.45 8.03 -13.42
C LYS B 82 19.13 9.21 -12.57
N ALA B 83 18.09 9.92 -12.97
CA ALA B 83 17.67 11.09 -12.23
C ALA B 83 17.38 10.73 -10.75
N HIS B 84 17.25 9.43 -10.50
CA HIS B 84 16.97 8.93 -9.16
C HIS B 84 18.27 8.67 -8.40
N LYS B 85 19.16 7.92 -9.04
CA LYS B 85 20.45 7.64 -8.45
C LYS B 85 21.02 9.01 -8.10
N PHE B 86 20.80 9.97 -9.00
CA PHE B 86 21.29 11.33 -8.82
C PHE B 86 20.65 12.08 -7.65
N ALA B 87 19.32 12.03 -7.54
CA ALA B 87 18.65 12.71 -6.43
C ALA B 87 18.99 12.02 -5.12
N LEU B 88 19.07 10.71 -5.15
CA LEU B 88 19.42 9.94 -3.97
C LEU B 88 20.78 10.36 -3.41
N GLU B 89 21.72 10.69 -4.30
CA GLU B 89 23.11 11.09 -3.93
C GLU B 89 23.20 12.49 -3.40
N LYS B 90 22.45 13.40 -3.99
CA LYS B 90 22.45 14.78 -3.56
C LYS B 90 21.85 14.85 -2.17
N PHE B 91 20.71 14.17 -1.99
CA PHE B 91 19.99 14.10 -0.70
C PHE B 91 20.94 13.56 0.35
N ILE B 92 21.29 12.28 0.22
CA ILE B 92 22.22 11.62 1.14
C ILE B 92 23.32 12.55 1.53
N ASN B 93 23.67 13.43 0.60
CA ASN B 93 24.73 14.42 0.79
C ASN B 93 24.37 15.45 1.81
N GLU B 94 23.39 16.30 1.50
CA GLU B 94 23.01 17.37 2.43
C GLU B 94 22.58 16.86 3.81
N LEU B 95 22.31 15.58 3.89
CA LEU B 95 21.90 14.89 5.12
C LEU B 95 23.11 14.62 6.03
N LEU B 96 24.28 14.42 5.43
CA LEU B 96 25.50 14.16 6.20
C LEU B 96 25.72 15.19 7.33
N PRO B 97 25.61 16.50 7.05
CA PRO B 97 25.79 17.49 8.11
C PRO B 97 24.79 17.31 9.26
N VAL B 98 23.58 16.87 8.93
CA VAL B 98 22.56 16.61 9.95
C VAL B 98 23.02 15.47 10.87
N ILE B 99 23.61 14.42 10.32
CA ILE B 99 24.12 13.36 11.18
C ILE B 99 25.23 13.98 12.05
N ASP B 100 26.12 14.73 11.41
CA ASP B 100 27.22 15.37 12.13
C ASP B 100 26.67 16.11 13.33
N SER B 101 25.51 16.74 13.16
CA SER B 101 24.89 17.46 14.27
C SER B 101 24.68 16.53 15.44
N LEU B 102 24.08 15.37 15.18
CA LEU B 102 23.84 14.44 16.25
C LEU B 102 25.13 14.05 16.91
N ASP B 103 26.22 14.03 16.16
CA ASP B 103 27.51 13.67 16.74
C ASP B 103 28.05 14.77 17.65
N ARG B 104 28.17 15.96 17.09
CA ARG B 104 28.64 17.13 17.81
C ARG B 104 27.85 17.26 19.13
N ALA B 105 26.56 16.97 19.08
CA ALA B 105 25.71 17.04 20.26
C ALA B 105 25.92 15.85 21.20
N LEU B 106 25.93 14.65 20.65
CA LEU B 106 26.13 13.53 21.54
C LEU B 106 27.52 13.69 22.15
N GLU B 107 28.33 14.55 21.55
CA GLU B 107 29.70 14.77 22.05
C GLU B 107 29.98 16.05 22.91
N VAL B 108 28.96 16.56 23.61
CA VAL B 108 29.11 17.73 24.47
C VAL B 108 28.23 17.52 25.71
N MET B 116 21.09 13.95 32.09
CA MET B 116 21.97 13.79 30.93
C MET B 116 22.25 12.32 30.59
N SER B 117 22.40 11.47 31.61
CA SER B 117 22.69 10.05 31.39
C SER B 117 21.61 9.26 30.60
N ALA B 118 20.35 9.68 30.71
CA ALA B 118 19.27 9.00 29.97
C ALA B 118 18.91 9.78 28.69
N MET B 119 19.24 11.06 28.69
CA MET B 119 19.00 11.91 27.54
C MET B 119 19.88 11.34 26.44
N VAL B 120 21.17 11.22 26.75
CA VAL B 120 22.17 10.70 25.83
C VAL B 120 21.83 9.28 25.33
N GLU B 121 21.34 8.44 26.23
CA GLU B 121 20.96 7.08 25.85
C GLU B 121 19.96 7.21 24.70
N ASP B 122 19.34 8.38 24.61
CA ASP B 122 18.36 8.68 23.56
C ASP B 122 19.06 9.09 22.28
N ILE B 123 19.88 10.12 22.38
CA ILE B 123 20.63 10.63 21.25
C ILE B 123 21.47 9.52 20.61
N GLU B 124 21.75 8.49 21.39
CA GLU B 124 22.52 7.36 20.90
C GLU B 124 21.63 6.38 20.17
N LEU B 125 20.35 6.43 20.49
CA LEU B 125 19.37 5.58 19.84
C LEU B 125 18.93 6.30 18.58
N THR B 126 18.85 7.62 18.65
CA THR B 126 18.45 8.39 17.49
C THR B 126 19.53 8.18 16.45
N LEU B 127 20.76 8.29 16.90
CA LEU B 127 21.91 8.12 16.03
C LEU B 127 21.95 6.75 15.40
N LYS B 128 21.87 5.69 16.19
CA LYS B 128 21.92 4.34 15.63
C LYS B 128 20.87 4.15 14.53
N SER B 129 19.66 4.67 14.71
CA SER B 129 18.62 4.52 13.67
C SER B 129 18.88 5.42 12.47
N MET B 130 19.49 6.58 12.70
CA MET B 130 19.83 7.49 11.61
C MET B 130 20.70 6.68 10.69
N LEU B 131 21.75 6.11 11.26
CA LEU B 131 22.68 5.31 10.49
C LEU B 131 22.01 4.04 9.95
N ASP B 132 21.27 3.33 10.80
CA ASP B 132 20.58 2.10 10.37
C ASP B 132 19.74 2.36 9.12
N VAL B 133 18.99 3.46 9.15
CA VAL B 133 18.13 3.84 8.03
C VAL B 133 18.91 4.05 6.74
N VAL B 134 20.01 4.79 6.87
CA VAL B 134 20.91 5.16 5.78
C VAL B 134 21.60 3.97 5.13
N ARG B 135 22.10 3.02 5.92
CA ARG B 135 22.76 1.81 5.44
C ARG B 135 21.90 1.32 4.29
N LYS B 136 20.59 1.24 4.58
CA LYS B 136 19.55 0.80 3.64
C LYS B 136 19.67 1.40 2.24
N PHE B 137 20.36 2.54 2.13
CA PHE B 137 20.52 3.16 0.84
C PHE B 137 21.97 3.18 0.32
N GLY B 138 22.81 2.40 1.00
CA GLY B 138 24.19 2.26 0.61
C GLY B 138 25.19 3.14 1.34
N VAL B 139 24.73 3.96 2.26
CA VAL B 139 25.65 4.84 2.98
C VAL B 139 26.27 4.19 4.20
N GLU B 140 27.59 4.01 4.15
CA GLU B 140 28.33 3.42 5.26
C GLU B 140 29.24 4.50 5.88
N VAL B 141 29.88 4.21 7.02
CA VAL B 141 30.75 5.20 7.66
C VAL B 141 32.22 4.83 7.78
N ILE B 142 33.04 5.84 7.64
CA ILE B 142 34.47 5.65 7.76
C ILE B 142 34.90 6.23 9.09
N ALA B 143 35.40 5.38 9.97
CA ALA B 143 35.84 5.85 11.27
C ALA B 143 36.56 4.74 12.02
N GLU B 144 37.08 3.78 11.26
CA GLU B 144 37.84 2.72 11.89
C GLU B 144 39.22 3.32 12.03
N THR B 145 39.66 3.47 13.28
CA THR B 145 41.00 4.00 13.57
C THR B 145 42.05 2.88 13.52
N ASN B 146 43.29 3.24 13.78
CA ASN B 146 44.36 2.25 13.73
C ASN B 146 44.50 1.52 12.38
N VAL B 147 44.20 2.24 11.31
CA VAL B 147 44.34 1.71 9.95
C VAL B 147 45.31 2.61 9.18
N PRO B 148 46.24 2.02 8.42
CA PRO B 148 47.14 2.94 7.73
C PRO B 148 46.37 4.00 6.95
N LEU B 149 46.94 5.20 6.90
CA LEU B 149 46.32 6.32 6.20
C LEU B 149 45.98 5.87 4.80
N ASP B 150 44.85 6.32 4.29
CA ASP B 150 44.41 5.96 2.96
C ASP B 150 43.62 7.15 2.49
N PRO B 151 44.23 7.95 1.61
CA PRO B 151 43.68 9.16 1.01
C PRO B 151 42.35 8.98 0.30
N ASN B 152 42.01 7.72 0.07
CA ASN B 152 40.77 7.35 -0.61
C ASN B 152 39.60 7.45 0.38
N VAL B 153 39.94 7.14 1.64
CA VAL B 153 39.03 7.15 2.78
C VAL B 153 39.32 8.25 3.79
N HIS B 154 40.60 8.48 4.06
CA HIS B 154 40.96 9.48 5.01
C HIS B 154 41.57 10.73 4.48
N GLN B 155 41.44 11.79 5.28
CA GLN B 155 42.06 13.06 5.00
C GLN B 155 42.72 13.50 6.31
N ALA B 156 44.03 13.27 6.41
CA ALA B 156 44.75 13.62 7.61
C ALA B 156 44.77 15.16 7.73
N ILE B 157 44.42 15.71 8.88
CA ILE B 157 44.45 17.17 9.02
C ILE B 157 45.51 17.59 10.03
N ALA B 158 46.08 16.59 10.69
CA ALA B 158 47.11 16.83 11.67
C ALA B 158 47.76 15.54 12.09
N MET B 159 49.03 15.62 12.48
CA MET B 159 49.75 14.43 12.95
C MET B 159 50.09 14.60 14.41
N VAL B 160 50.21 13.50 15.14
CA VAL B 160 50.60 13.67 16.52
C VAL B 160 51.37 12.52 17.14
N GLU B 161 52.36 12.89 17.94
CA GLU B 161 53.17 11.91 18.63
C GLU B 161 52.23 11.05 19.45
N SER B 162 52.48 9.75 19.42
CA SER B 162 51.69 8.79 20.19
C SER B 162 52.25 7.38 20.06
N ASP B 163 51.93 6.53 21.02
CA ASP B 163 52.40 5.16 20.98
C ASP B 163 51.18 4.23 20.82
N ASP B 164 49.98 4.81 20.96
CA ASP B 164 48.71 4.09 20.87
C ASP B 164 48.52 3.26 19.59
N VAL B 165 49.30 3.56 18.56
CA VAL B 165 49.24 2.85 17.28
C VAL B 165 50.55 3.02 16.56
N ALA B 166 51.07 1.95 15.95
CA ALA B 166 52.31 2.14 15.21
C ALA B 166 52.14 3.44 14.44
N PRO B 167 53.24 4.12 14.13
CA PRO B 167 53.18 5.39 13.38
C PRO B 167 52.68 5.18 11.94
N GLY B 168 51.92 6.14 11.42
CA GLY B 168 51.37 6.03 10.07
C GLY B 168 49.90 5.65 10.10
N ASN B 169 49.51 4.95 11.17
CA ASN B 169 48.13 4.49 11.38
C ASN B 169 47.19 5.62 11.83
N VAL B 170 46.02 5.71 11.21
CA VAL B 170 45.06 6.75 11.59
C VAL B 170 44.78 6.60 13.09
N LEU B 171 44.64 7.73 13.79
CA LEU B 171 44.37 7.71 15.23
C LEU B 171 43.48 8.92 15.51
N GLY B 172 42.30 8.73 16.07
CA GLY B 172 41.45 9.90 16.30
C GLY B 172 40.71 10.41 15.06
N ILE B 173 39.39 10.46 15.16
CA ILE B 173 38.58 10.89 14.04
C ILE B 173 37.99 12.26 14.27
N MET B 174 38.59 13.29 13.68
CA MET B 174 38.01 14.62 13.85
C MET B 174 36.61 14.71 13.25
N GLN B 175 36.31 13.82 12.31
CA GLN B 175 35.02 13.80 11.64
C GLN B 175 34.87 12.44 10.95
N LYS B 176 33.67 11.85 11.01
CA LYS B 176 33.45 10.55 10.39
C LYS B 176 33.28 10.68 8.89
N GLY B 177 33.77 9.69 8.16
CA GLY B 177 33.66 9.70 6.71
C GLY B 177 32.51 8.81 6.29
N TYR B 178 32.03 9.00 5.06
CA TYR B 178 30.92 8.21 4.54
C TYR B 178 31.09 7.78 3.09
N THR B 179 30.51 6.65 2.74
CA THR B 179 30.59 6.10 1.39
C THR B 179 29.30 5.37 0.98
N LEU B 180 28.79 5.63 -0.22
CA LEU B 180 27.62 4.85 -0.61
C LEU B 180 28.09 3.74 -1.51
N ASN B 181 27.96 2.52 -0.99
CA ASN B 181 28.37 1.34 -1.75
C ASN B 181 29.87 1.27 -1.88
N GLY B 182 30.57 2.00 -1.03
CA GLY B 182 32.02 2.00 -1.12
C GLY B 182 32.55 3.30 -1.72
N ARG B 183 32.09 3.71 -2.89
CA ARG B 183 32.59 4.96 -3.46
C ARG B 183 32.61 6.02 -2.36
N THR B 184 33.81 6.34 -1.86
CA THR B 184 33.96 7.32 -0.81
C THR B 184 33.29 8.64 -1.20
N ILE B 185 32.30 9.05 -0.41
CA ILE B 185 31.58 10.27 -0.71
C ILE B 185 32.04 11.45 0.12
N ARG B 186 32.73 11.16 1.22
CA ARG B 186 33.24 12.20 2.10
C ARG B 186 34.28 11.58 3.01
N ALA B 187 35.53 12.00 2.84
CA ALA B 187 36.63 11.43 3.62
C ALA B 187 36.69 11.80 5.11
N ALA B 188 36.90 10.80 5.96
CA ALA B 188 36.97 11.08 7.39
C ALA B 188 38.19 11.92 7.75
N MET B 189 37.96 13.16 8.12
CA MET B 189 39.07 14.00 8.53
C MET B 189 39.73 13.25 9.69
N VAL B 190 41.03 13.00 9.63
CA VAL B 190 41.68 12.26 10.72
C VAL B 190 43.02 12.82 11.25
N THR B 191 43.55 12.17 12.27
CA THR B 191 44.82 12.59 12.85
C THR B 191 45.79 11.41 12.83
N VAL B 192 46.73 11.46 11.90
CA VAL B 192 47.67 10.39 11.80
C VAL B 192 48.67 10.42 12.94
N ALA B 193 48.97 9.25 13.47
CA ALA B 193 49.90 9.10 14.58
C ALA B 193 51.36 9.16 14.18
N LYS B 194 52.07 10.17 14.66
CA LYS B 194 53.50 10.36 14.38
C LYS B 194 54.26 9.93 15.62
N ALA B 195 55.29 9.12 15.41
CA ALA B 195 56.11 8.61 16.53
C ALA B 195 56.62 9.73 17.42
N LYS C 3 -11.20 -1.99 -22.36
CA LYS C 3 -10.47 -2.37 -21.13
C LYS C 3 -11.42 -2.72 -19.95
N ILE C 4 -11.26 -3.91 -19.38
CA ILE C 4 -12.11 -4.30 -18.26
C ILE C 4 -11.46 -4.25 -16.86
N ILE C 5 -10.96 -3.08 -16.48
CA ILE C 5 -10.34 -2.91 -15.16
C ILE C 5 -10.92 -3.92 -14.18
N GLY C 6 -10.05 -4.73 -13.56
CA GLY C 6 -10.53 -5.68 -12.59
C GLY C 6 -10.61 -4.96 -11.26
N ILE C 7 -11.64 -5.25 -10.46
CA ILE C 7 -11.84 -4.61 -9.14
C ILE C 7 -12.11 -5.57 -7.99
N ASP C 8 -11.34 -5.44 -6.93
CA ASP C 8 -11.52 -6.26 -5.77
C ASP C 8 -12.21 -5.35 -4.74
N LEU C 9 -13.51 -5.56 -4.59
CA LEU C 9 -14.32 -4.77 -3.67
C LEU C 9 -14.30 -5.44 -2.31
N GLY C 10 -13.22 -5.19 -1.60
CA GLY C 10 -13.03 -5.76 -0.29
C GLY C 10 -13.97 -5.27 0.79
N THR C 11 -13.90 -5.92 1.94
CA THR C 11 -14.75 -5.52 3.04
C THR C 11 -14.05 -4.44 3.81
N THR C 12 -12.72 -4.56 3.84
CA THR C 12 -11.90 -3.59 4.56
C THR C 12 -11.05 -2.78 3.63
N ASN C 13 -10.77 -3.30 2.46
CA ASN C 13 -9.96 -2.54 1.53
C ASN C 13 -10.35 -3.07 0.20
N SER C 14 -10.11 -2.27 -0.83
CA SER C 14 -10.43 -2.63 -2.21
C SER C 14 -9.26 -2.24 -3.06
N CYS C 15 -9.09 -2.91 -4.19
CA CYS C 15 -7.95 -2.65 -5.02
C CYS C 15 -8.42 -2.69 -6.45
N VAL C 16 -7.67 -2.14 -7.38
CA VAL C 16 -8.11 -2.19 -8.76
C VAL C 16 -6.96 -2.40 -9.73
N ALA C 17 -7.15 -3.29 -10.69
CA ALA C 17 -6.10 -3.61 -11.63
C ALA C 17 -6.52 -3.66 -13.09
N ILE C 18 -5.53 -3.60 -13.97
CA ILE C 18 -5.80 -3.67 -15.38
C ILE C 18 -4.60 -4.32 -15.98
N MET C 19 -4.82 -5.18 -16.97
CA MET C 19 -3.73 -5.86 -17.64
C MET C 19 -2.96 -4.93 -18.59
N ASP C 20 -1.66 -4.81 -18.35
CA ASP C 20 -0.84 -4.03 -19.24
C ASP C 20 -0.39 -5.10 -20.23
N GLY C 21 -1.12 -5.25 -21.33
CA GLY C 21 -0.80 -6.29 -22.29
C GLY C 21 -1.28 -7.63 -21.75
N THR C 22 -0.33 -8.48 -21.35
CA THR C 22 -0.62 -9.80 -20.78
C THR C 22 -0.19 -9.83 -19.30
N THR C 23 0.54 -8.78 -18.91
CA THR C 23 1.08 -8.58 -17.57
C THR C 23 0.15 -7.80 -16.64
N PRO C 24 -0.19 -8.39 -15.48
CA PRO C 24 -1.07 -7.69 -14.53
C PRO C 24 -0.36 -6.46 -13.98
N ARG C 25 -1.09 -5.35 -13.95
CA ARG C 25 -0.61 -4.07 -13.48
C ARG C 25 -1.60 -3.47 -12.46
N VAL C 26 -1.30 -3.60 -11.17
CA VAL C 26 -2.18 -3.07 -10.13
C VAL C 26 -2.05 -1.56 -10.06
N LEU C 27 -3.12 -0.85 -10.33
CA LEU C 27 -3.06 0.60 -10.28
C LEU C 27 -3.04 1.21 -8.87
N GLU C 28 -2.71 2.48 -8.81
CA GLU C 28 -2.66 3.18 -7.55
C GLU C 28 -3.50 4.44 -7.59
N ASN C 29 -4.25 4.67 -6.52
CA ASN C 29 -5.16 5.81 -6.37
C ASN C 29 -4.48 7.19 -6.48
N ALA C 30 -5.23 8.25 -6.24
CA ALA C 30 -4.67 9.60 -6.30
C ALA C 30 -3.58 9.82 -5.25
N GLU C 31 -3.77 9.26 -4.06
CA GLU C 31 -2.82 9.39 -2.95
C GLU C 31 -1.55 8.56 -3.07
N GLY C 32 -1.48 7.70 -4.08
CA GLY C 32 -0.31 6.88 -4.24
C GLY C 32 -0.36 5.55 -3.50
N ASP C 33 -1.57 5.03 -3.26
CA ASP C 33 -1.75 3.74 -2.57
C ASP C 33 -2.19 2.73 -3.57
N ARG C 34 -1.75 1.49 -3.47
CA ARG C 34 -2.23 0.51 -4.43
C ARG C 34 -3.53 -0.08 -3.87
N THR C 35 -3.77 0.21 -2.58
CA THR C 35 -4.94 -0.28 -1.83
C THR C 35 -5.72 0.90 -1.19
N THR C 36 -7.01 1.01 -1.50
CA THR C 36 -7.91 2.07 -0.99
C THR C 36 -8.97 1.59 0.03
N PRO C 37 -8.81 1.91 1.33
CA PRO C 37 -9.81 1.48 2.31
C PRO C 37 -11.26 1.56 1.84
N SER C 38 -12.08 0.62 2.27
CA SER C 38 -13.47 0.66 1.89
C SER C 38 -14.30 1.44 2.89
N ILE C 39 -13.98 2.72 3.06
CA ILE C 39 -14.70 3.61 3.99
C ILE C 39 -15.30 4.75 3.18
N ILE C 40 -16.40 5.30 3.67
CA ILE C 40 -17.09 6.39 2.97
C ILE C 40 -17.82 7.23 3.98
N ALA C 41 -17.42 8.48 4.16
CA ALA C 41 -18.08 9.32 5.13
C ALA C 41 -18.68 10.56 4.53
N TYR C 42 -19.83 10.96 5.04
CA TYR C 42 -20.50 12.17 4.58
C TYR C 42 -20.24 13.23 5.63
N THR C 43 -19.19 14.00 5.38
CA THR C 43 -18.76 15.07 6.24
C THR C 43 -19.94 15.90 6.74
N GLN C 44 -19.80 16.51 7.91
CA GLN C 44 -20.89 17.33 8.46
C GLN C 44 -21.37 18.34 7.41
N ASP C 45 -20.39 19.06 6.86
CA ASP C 45 -20.62 20.06 5.83
C ASP C 45 -21.07 19.57 4.46
N GLY C 46 -21.41 18.29 4.35
CA GLY C 46 -21.86 17.72 3.10
C GLY C 46 -20.85 17.13 2.12
N GLU C 47 -19.63 16.89 2.55
CA GLU C 47 -18.66 16.33 1.61
C GLU C 47 -18.72 14.80 1.65
N THR C 48 -18.52 14.15 0.49
CA THR C 48 -18.55 12.68 0.45
C THR C 48 -17.18 12.07 0.24
N LEU C 49 -16.45 11.91 1.33
CA LEU C 49 -15.11 11.35 1.34
C LEU C 49 -15.13 9.84 1.18
N VAL C 50 -14.04 9.31 0.66
CA VAL C 50 -13.93 7.89 0.42
C VAL C 50 -12.48 7.43 0.57
N GLY C 51 -12.28 6.31 1.28
CA GLY C 51 -10.92 5.80 1.47
C GLY C 51 -10.11 6.37 2.62
N GLN C 52 -8.84 6.70 2.38
CA GLN C 52 -7.99 7.23 3.44
C GLN C 52 -8.60 8.45 4.13
N PRO C 53 -8.88 9.51 3.39
CA PRO C 53 -9.47 10.68 4.02
C PRO C 53 -10.68 10.38 4.86
N ALA C 54 -11.52 9.47 4.41
CA ALA C 54 -12.70 9.12 5.19
C ALA C 54 -12.35 8.38 6.46
N LYS C 55 -11.29 7.58 6.41
CA LYS C 55 -10.88 6.84 7.60
C LYS C 55 -10.38 7.83 8.63
N ARG C 56 -9.66 8.86 8.16
CA ARG C 56 -9.07 9.90 9.01
C ARG C 56 -10.00 10.82 9.81
N GLN C 57 -11.28 10.87 9.50
CA GLN C 57 -12.13 11.74 10.29
C GLN C 57 -13.24 10.96 10.96
N ALA C 58 -13.03 9.65 11.05
CA ALA C 58 -13.99 8.73 11.68
C ALA C 58 -14.34 9.12 13.12
N VAL C 59 -13.32 9.21 13.97
CA VAL C 59 -13.50 9.61 15.37
C VAL C 59 -14.50 10.75 15.48
N THR C 60 -14.07 11.90 15.00
CA THR C 60 -14.88 13.10 14.97
C THR C 60 -16.23 12.95 14.25
N ASN C 61 -16.48 11.81 13.64
CA ASN C 61 -17.72 11.67 12.90
C ASN C 61 -18.16 10.23 12.69
N PRO C 62 -18.31 9.47 13.79
CA PRO C 62 -18.71 8.06 13.80
C PRO C 62 -20.02 7.69 13.13
N GLN C 63 -21.04 8.50 13.34
CA GLN C 63 -22.30 8.15 12.77
C GLN C 63 -22.49 8.34 11.29
N ASN C 64 -21.54 9.02 10.64
CA ASN C 64 -21.65 9.25 9.19
C ASN C 64 -20.44 8.81 8.41
N THR C 65 -19.63 7.97 9.05
CA THR C 65 -18.46 7.41 8.40
C THR C 65 -18.78 5.95 8.25
N LEU C 66 -19.38 5.58 7.13
CA LEU C 66 -19.76 4.20 6.88
C LEU C 66 -18.60 3.28 6.47
N PHE C 67 -18.62 2.05 6.96
CA PHE C 67 -17.57 1.10 6.63
C PHE C 67 -18.11 -0.33 6.76
N ALA C 68 -17.38 -1.30 6.23
CA ALA C 68 -17.85 -2.69 6.31
C ALA C 68 -19.26 -2.81 5.72
N ILE C 69 -19.51 -2.09 4.62
CA ILE C 69 -20.83 -2.12 4.03
C ILE C 69 -21.02 -3.46 3.33
N LYS C 70 -19.93 -4.18 3.06
CA LYS C 70 -20.10 -5.47 2.40
C LYS C 70 -20.86 -6.45 3.29
N ARG C 71 -20.82 -6.21 4.59
CA ARG C 71 -21.55 -7.05 5.55
C ARG C 71 -23.08 -6.88 5.42
N LEU C 72 -23.52 -5.96 4.56
CA LEU C 72 -24.94 -5.68 4.37
C LEU C 72 -25.39 -5.72 2.92
N ILE C 73 -24.46 -5.52 1.99
CA ILE C 73 -24.79 -5.48 0.56
C ILE C 73 -26.06 -6.20 0.07
N GLY C 74 -26.09 -7.54 0.14
CA GLY C 74 -27.26 -8.24 -0.35
C GLY C 74 -28.19 -8.94 0.65
N ARG C 75 -28.29 -8.38 1.86
CA ARG C 75 -29.13 -8.95 2.93
C ARG C 75 -30.35 -8.13 3.38
N ARG C 76 -31.31 -8.79 4.02
CA ARG C 76 -32.53 -8.15 4.50
C ARG C 76 -32.35 -7.65 5.94
N PHE C 77 -33.06 -6.59 6.32
CA PHE C 77 -32.90 -6.02 7.68
C PHE C 77 -32.82 -7.05 8.82
N GLN C 78 -33.21 -8.29 8.56
CA GLN C 78 -33.11 -9.38 9.54
C GLN C 78 -32.07 -10.38 9.02
N ASP C 79 -31.32 -11.00 9.92
CA ASP C 79 -30.26 -11.93 9.54
C ASP C 79 -29.33 -12.02 10.76
N GLU C 80 -28.62 -13.14 10.94
CA GLU C 80 -27.70 -13.26 12.07
C GLU C 80 -26.77 -12.07 11.90
N GLU C 81 -26.11 -12.03 10.75
CA GLU C 81 -25.19 -10.94 10.44
C GLU C 81 -25.82 -9.58 10.71
N VAL C 82 -26.62 -9.10 9.76
CA VAL C 82 -27.24 -7.80 9.90
C VAL C 82 -27.68 -7.42 11.32
N GLN C 83 -28.64 -8.13 11.93
CA GLN C 83 -29.07 -7.74 13.29
C GLN C 83 -27.90 -7.65 14.32
N ARG C 84 -26.98 -8.62 14.25
CA ARG C 84 -25.84 -8.65 15.16
C ARG C 84 -24.79 -7.55 14.87
N ASP C 85 -24.92 -6.91 13.70
CA ASP C 85 -24.03 -5.83 13.28
C ASP C 85 -24.65 -4.59 13.89
N VAL C 86 -25.96 -4.49 13.73
CA VAL C 86 -26.69 -3.37 14.27
C VAL C 86 -26.25 -3.10 15.69
N SER C 87 -25.66 -4.10 16.33
CA SER C 87 -25.20 -3.94 17.70
C SER C 87 -23.81 -3.30 17.83
N ILE C 88 -22.95 -3.50 16.82
CA ILE C 88 -21.60 -2.93 16.86
C ILE C 88 -21.33 -1.76 15.88
N MET C 89 -21.99 -1.73 14.74
CA MET C 89 -21.74 -0.66 13.80
C MET C 89 -22.09 0.70 14.34
N PRO C 90 -21.12 1.62 14.37
CA PRO C 90 -21.45 2.94 14.89
C PRO C 90 -22.49 3.66 14.06
N PHE C 91 -22.74 3.19 12.85
CA PHE C 91 -23.74 3.84 12.01
C PHE C 91 -25.11 3.16 12.00
N LYS C 92 -26.13 3.96 11.64
CA LYS C 92 -27.51 3.51 11.61
C LYS C 92 -27.92 2.55 10.50
N ILE C 93 -28.24 1.32 10.88
CA ILE C 93 -28.71 0.30 9.94
C ILE C 93 -30.20 0.16 10.20
N ILE C 94 -31.00 0.69 9.27
CA ILE C 94 -32.44 0.63 9.38
C ILE C 94 -32.98 -0.42 8.42
N ALA C 95 -34.29 -0.68 8.49
CA ALA C 95 -34.93 -1.64 7.60
C ALA C 95 -35.50 -0.88 6.41
N ALA C 96 -35.32 -1.42 5.21
CA ALA C 96 -35.84 -0.79 4.00
C ALA C 96 -37.32 -1.15 3.83
N ASP C 97 -38.06 -0.37 3.03
CA ASP C 97 -39.48 -0.70 2.83
C ASP C 97 -39.54 -2.10 2.21
N ASN C 98 -38.70 -2.32 1.20
CA ASN C 98 -38.63 -3.63 0.55
C ASN C 98 -38.40 -4.63 1.69
N GLY C 99 -37.86 -4.13 2.80
CA GLY C 99 -37.56 -5.00 3.92
C GLY C 99 -36.10 -5.43 3.87
N ASP C 100 -35.29 -4.68 3.10
CA ASP C 100 -33.88 -4.97 2.99
C ASP C 100 -33.13 -4.21 4.08
N ALA C 101 -31.88 -4.57 4.34
CA ALA C 101 -31.09 -3.86 5.35
C ALA C 101 -30.50 -2.63 4.65
N TRP C 102 -30.76 -1.45 5.21
CA TRP C 102 -30.26 -0.21 4.62
C TRP C 102 -29.49 0.58 5.66
N VAL C 103 -29.09 1.79 5.29
CA VAL C 103 -28.38 2.64 6.23
C VAL C 103 -28.89 4.07 6.14
N GLU C 104 -28.98 4.72 7.29
CA GLU C 104 -29.42 6.11 7.37
C GLU C 104 -28.27 6.98 7.82
N VAL C 105 -28.00 7.97 6.99
CA VAL C 105 -26.93 8.92 7.22
C VAL C 105 -27.59 10.29 7.31
N LYS C 106 -27.42 10.99 8.42
CA LYS C 106 -28.03 12.31 8.48
C LYS C 106 -29.51 12.30 8.05
N GLY C 107 -30.30 11.34 8.55
CA GLY C 107 -31.71 11.30 8.19
C GLY C 107 -32.13 10.77 6.81
N GLN C 108 -31.21 10.80 5.84
CA GLN C 108 -31.49 10.30 4.48
C GLN C 108 -31.23 8.78 4.47
N LYS C 109 -32.08 7.99 3.81
CA LYS C 109 -31.90 6.52 3.78
C LYS C 109 -31.36 6.00 2.46
N MET C 110 -30.24 5.29 2.49
CA MET C 110 -29.72 4.76 1.23
C MET C 110 -29.48 3.27 1.21
N ALA C 111 -29.60 2.68 0.02
CA ALA C 111 -29.38 1.26 -0.14
C ALA C 111 -27.88 0.98 -0.08
N PRO C 112 -27.47 -0.14 0.55
CA PRO C 112 -26.08 -0.55 0.70
C PRO C 112 -25.29 -0.35 -0.58
N PRO C 113 -25.84 -0.79 -1.70
CA PRO C 113 -25.16 -0.63 -2.96
C PRO C 113 -24.87 0.84 -3.22
N GLN C 114 -25.87 1.70 -3.04
CA GLN C 114 -25.64 3.13 -3.26
C GLN C 114 -24.34 3.59 -2.59
N ILE C 115 -23.95 2.92 -1.49
CA ILE C 115 -22.72 3.25 -0.77
C ILE C 115 -21.43 2.68 -1.37
N SER C 116 -21.42 1.38 -1.66
CA SER C 116 -20.23 0.78 -2.23
C SER C 116 -19.86 1.47 -3.51
N ALA C 117 -20.88 1.78 -4.30
CA ALA C 117 -20.67 2.47 -5.58
C ALA C 117 -19.73 3.65 -5.38
N GLU C 118 -19.80 4.31 -4.24
CA GLU C 118 -18.90 5.42 -4.00
C GLU C 118 -17.45 4.99 -4.19
N VAL C 119 -17.10 3.81 -3.67
CA VAL C 119 -15.75 3.24 -3.76
C VAL C 119 -15.43 2.76 -5.18
N LEU C 120 -16.39 2.09 -5.81
CA LEU C 120 -16.18 1.61 -7.17
C LEU C 120 -15.95 2.87 -8.00
N LYS C 121 -16.72 3.91 -7.69
CA LYS C 121 -16.63 5.19 -8.40
C LYS C 121 -15.18 5.63 -8.41
N LYS C 122 -14.58 5.57 -7.22
CA LYS C 122 -13.17 5.94 -7.00
C LYS C 122 -12.17 5.04 -7.71
N MET C 123 -12.52 3.78 -7.90
CA MET C 123 -11.62 2.88 -8.57
C MET C 123 -11.66 3.17 -10.06
N LYS C 124 -12.88 3.31 -10.58
CA LYS C 124 -13.09 3.59 -11.99
C LYS C 124 -12.31 4.85 -12.35
N LYS C 125 -12.44 5.87 -11.52
CA LYS C 125 -11.73 7.12 -11.73
C LYS C 125 -10.23 6.90 -11.64
N THR C 126 -9.83 5.95 -10.80
CA THR C 126 -8.43 5.64 -10.62
C THR C 126 -7.88 4.98 -11.90
N ALA C 127 -8.61 4.01 -12.46
CA ALA C 127 -8.15 3.35 -13.70
C ALA C 127 -8.15 4.35 -14.85
N GLU C 128 -9.20 5.17 -14.91
CA GLU C 128 -9.37 6.21 -15.93
C GLU C 128 -8.19 7.16 -15.83
N ASP C 129 -7.84 7.53 -14.61
CA ASP C 129 -6.71 8.42 -14.44
C ASP C 129 -5.40 7.80 -14.95
N TYR C 130 -5.36 6.47 -15.06
CA TYR C 130 -4.14 5.82 -15.56
C TYR C 130 -4.04 5.71 -17.08
N LEU C 131 -5.03 5.03 -17.65
CA LEU C 131 -5.15 4.79 -19.08
C LEU C 131 -5.44 6.03 -19.91
N GLY C 132 -5.94 7.09 -19.27
CA GLY C 132 -6.22 8.32 -19.99
C GLY C 132 -7.65 8.34 -20.47
N GLU C 133 -8.10 7.23 -21.03
CA GLU C 133 -9.46 7.15 -21.54
C GLU C 133 -10.46 6.70 -20.49
N PRO C 134 -11.70 7.16 -20.63
CA PRO C 134 -12.72 6.76 -19.66
C PRO C 134 -12.85 5.25 -19.68
N VAL C 135 -13.20 4.70 -18.53
CA VAL C 135 -13.40 3.27 -18.39
C VAL C 135 -14.87 3.08 -18.10
N THR C 136 -15.39 1.92 -18.44
CA THR C 136 -16.81 1.68 -18.22
C THR C 136 -17.10 0.22 -17.99
N GLU C 137 -16.06 -0.59 -18.02
CA GLU C 137 -16.20 -2.03 -17.86
C GLU C 137 -15.35 -2.66 -16.75
N ALA C 138 -15.93 -3.61 -16.02
CA ALA C 138 -15.21 -4.27 -14.95
C ALA C 138 -15.74 -5.61 -14.39
N VAL C 139 -14.84 -6.30 -13.71
CA VAL C 139 -15.11 -7.58 -13.03
C VAL C 139 -15.03 -7.27 -11.54
N ILE C 140 -16.00 -7.69 -10.76
CA ILE C 140 -15.92 -7.41 -9.36
C ILE C 140 -16.01 -8.76 -8.66
N THR C 141 -15.19 -8.94 -7.66
CA THR C 141 -15.13 -10.17 -6.92
C THR C 141 -16.07 -10.24 -5.71
N VAL C 142 -16.59 -11.43 -5.43
CA VAL C 142 -17.46 -11.66 -4.27
C VAL C 142 -17.00 -12.92 -3.55
N PRO C 143 -17.44 -13.06 -2.29
CA PRO C 143 -17.14 -14.17 -1.39
C PRO C 143 -17.84 -15.45 -1.92
N ALA C 144 -17.08 -16.55 -2.04
CA ALA C 144 -17.63 -17.81 -2.56
C ALA C 144 -19.02 -18.21 -2.03
N TYR C 145 -19.44 -17.61 -0.92
CA TYR C 145 -20.73 -17.90 -0.31
C TYR C 145 -21.82 -16.87 -0.58
N PHE C 146 -21.55 -15.96 -1.51
CA PHE C 146 -22.51 -14.91 -1.85
C PHE C 146 -23.79 -15.38 -2.56
N ASN C 147 -24.90 -15.35 -1.83
CA ASN C 147 -26.18 -15.76 -2.39
C ASN C 147 -26.55 -14.85 -3.56
N ASP C 148 -27.22 -15.39 -4.56
CA ASP C 148 -27.63 -14.62 -5.74
C ASP C 148 -28.00 -13.16 -5.41
N ALA C 149 -28.65 -12.97 -4.27
CA ALA C 149 -29.07 -11.64 -3.80
C ALA C 149 -27.89 -10.65 -3.70
N GLN C 150 -26.84 -11.04 -2.98
CA GLN C 150 -25.63 -10.22 -2.81
C GLN C 150 -24.90 -10.01 -4.15
N ARG C 151 -24.62 -11.08 -4.87
CA ARG C 151 -23.94 -10.99 -6.16
C ARG C 151 -24.61 -9.98 -7.08
N GLN C 152 -25.92 -9.90 -7.00
CA GLN C 152 -26.67 -8.98 -7.83
C GLN C 152 -26.55 -7.59 -7.25
N ALA C 153 -26.90 -7.46 -5.96
CA ALA C 153 -26.81 -6.18 -5.27
C ALA C 153 -25.38 -5.68 -5.43
N THR C 154 -24.44 -6.60 -5.56
CA THR C 154 -23.04 -6.21 -5.77
C THR C 154 -22.96 -5.76 -7.23
N LYS C 155 -23.92 -6.18 -8.05
CA LYS C 155 -23.96 -5.79 -9.45
C LYS C 155 -24.57 -4.40 -9.58
N ASP C 156 -25.62 -4.13 -8.81
CA ASP C 156 -26.27 -2.82 -8.83
C ASP C 156 -25.26 -1.73 -8.50
N ALA C 157 -24.32 -2.03 -7.62
CA ALA C 157 -23.30 -1.06 -7.23
C ALA C 157 -22.53 -0.56 -8.42
N GLY C 158 -22.14 -1.47 -9.30
CA GLY C 158 -21.39 -1.07 -10.48
C GLY C 158 -22.17 -0.13 -11.37
N ARG C 159 -23.43 -0.48 -11.63
CA ARG C 159 -24.32 0.31 -12.48
C ARG C 159 -24.32 1.73 -11.96
N ILE C 160 -24.55 1.83 -10.66
CA ILE C 160 -24.60 3.13 -10.01
C ILE C 160 -23.31 3.90 -10.16
N ALA C 161 -22.22 3.19 -10.46
CA ALA C 161 -20.90 3.80 -10.62
C ALA C 161 -20.45 3.99 -12.07
N GLY C 162 -21.32 3.61 -13.01
CA GLY C 162 -20.99 3.76 -14.41
C GLY C 162 -20.17 2.60 -14.91
N LEU C 163 -20.25 1.49 -14.20
CA LEU C 163 -19.50 0.29 -14.56
C LEU C 163 -20.41 -0.88 -14.94
N GLU C 164 -20.26 -1.31 -16.19
CA GLU C 164 -21.03 -2.45 -16.68
C GLU C 164 -20.26 -3.71 -16.25
N VAL C 165 -20.73 -4.31 -15.17
CA VAL C 165 -20.12 -5.53 -14.64
C VAL C 165 -20.11 -6.63 -15.70
N LYS C 166 -19.01 -6.74 -16.44
CA LYS C 166 -18.87 -7.77 -17.49
C LYS C 166 -18.74 -9.19 -16.95
N ARG C 167 -18.85 -9.37 -15.63
CA ARG C 167 -18.78 -10.69 -14.96
C ARG C 167 -18.27 -10.60 -13.53
N ILE C 168 -19.10 -10.97 -12.56
CA ILE C 168 -18.70 -10.93 -11.15
C ILE C 168 -18.24 -12.31 -10.64
N ILE C 169 -16.93 -12.58 -10.76
CA ILE C 169 -16.35 -13.85 -10.31
C ILE C 169 -15.97 -13.94 -8.84
N ASN C 170 -15.74 -15.16 -8.38
CA ASN C 170 -15.41 -15.49 -6.98
C ASN C 170 -14.07 -14.98 -6.45
N GLU C 171 -14.05 -14.57 -5.18
CA GLU C 171 -12.79 -14.10 -4.61
C GLU C 171 -11.71 -15.20 -4.64
N PRO C 172 -12.06 -16.44 -4.22
CA PRO C 172 -11.13 -17.60 -4.19
C PRO C 172 -10.61 -17.90 -5.60
N THR C 173 -11.55 -17.99 -6.53
CA THR C 173 -11.23 -18.23 -7.94
C THR C 173 -10.27 -17.12 -8.40
N ALA C 174 -10.60 -15.91 -7.98
CA ALA C 174 -9.85 -14.70 -8.27
C ALA C 174 -8.36 -14.86 -7.93
N ALA C 175 -8.09 -15.34 -6.72
CA ALA C 175 -6.72 -15.56 -6.25
C ALA C 175 -6.05 -16.69 -7.07
N ALA C 176 -6.85 -17.69 -7.43
CA ALA C 176 -6.36 -18.81 -8.22
C ALA C 176 -5.94 -18.27 -9.58
N LEU C 177 -6.83 -17.56 -10.26
CA LEU C 177 -6.49 -17.00 -11.57
C LEU C 177 -5.29 -16.04 -11.41
N ALA C 178 -5.22 -15.44 -10.23
CA ALA C 178 -4.17 -14.48 -9.91
C ALA C 178 -2.76 -15.09 -9.88
N TYR C 179 -2.65 -16.31 -9.38
CA TYR C 179 -1.35 -17.00 -9.32
C TYR C 179 -0.94 -17.65 -10.63
N GLY C 180 -1.84 -18.42 -11.24
CA GLY C 180 -1.55 -19.08 -12.51
C GLY C 180 -2.10 -20.49 -12.59
N LEU C 181 -3.27 -20.69 -12.00
CA LEU C 181 -3.89 -21.99 -11.99
C LEU C 181 -4.99 -22.10 -13.03
N ASP C 182 -4.61 -21.87 -14.30
CA ASP C 182 -5.53 -21.93 -15.43
C ASP C 182 -5.18 -23.02 -16.44
N LYS C 183 -3.94 -22.98 -16.91
CA LYS C 183 -3.43 -23.96 -17.87
C LYS C 183 -3.13 -25.34 -17.25
N THR C 185 -0.90 -28.81 -15.21
CA THR C 185 -0.91 -29.76 -16.32
C THR C 185 -2.34 -29.98 -16.86
N GLY C 186 -3.21 -30.55 -16.02
CA GLY C 186 -4.58 -30.79 -16.42
C GLY C 186 -5.59 -30.89 -15.31
N ASN C 187 -5.13 -30.86 -14.05
CA ASN C 187 -6.01 -30.94 -12.88
C ASN C 187 -5.25 -30.58 -11.57
N ARG C 188 -5.69 -29.53 -10.87
CA ARG C 188 -5.04 -29.09 -9.62
C ARG C 188 -6.09 -28.83 -8.55
N THR C 189 -5.76 -29.10 -7.28
CA THR C 189 -6.69 -28.87 -6.16
C THR C 189 -6.19 -27.81 -5.19
N ILE C 190 -6.80 -26.63 -5.28
CA ILE C 190 -6.43 -25.48 -4.48
C ILE C 190 -7.23 -25.14 -3.24
N ALA C 191 -6.53 -24.55 -2.29
CA ALA C 191 -7.10 -24.12 -1.03
C ALA C 191 -6.58 -22.72 -0.74
N VAL C 192 -7.49 -21.76 -0.79
CA VAL C 192 -7.12 -20.36 -0.54
C VAL C 192 -7.41 -19.91 0.91
N TYR C 193 -6.32 -19.68 1.64
CA TYR C 193 -6.35 -19.22 3.03
C TYR C 193 -6.56 -17.71 2.99
N ASP C 194 -7.73 -17.25 3.41
CA ASP C 194 -8.03 -15.82 3.34
C ASP C 194 -8.26 -15.15 4.67
N LEU C 195 -7.19 -14.56 5.20
CA LEU C 195 -7.26 -13.85 6.45
C LEU C 195 -7.28 -12.36 6.11
N GLY C 196 -8.40 -11.72 6.33
CA GLY C 196 -8.48 -10.31 5.98
C GLY C 196 -8.38 -9.30 7.10
N GLY C 197 -8.81 -8.08 6.81
CA GLY C 197 -8.77 -7.03 7.81
C GLY C 197 -9.75 -7.30 8.93
N GLY C 198 -10.85 -7.97 8.59
CA GLY C 198 -11.84 -8.28 9.60
C GLY C 198 -12.44 -9.67 9.44
N THR C 199 -12.25 -10.27 8.28
CA THR C 199 -12.82 -11.59 8.02
C THR C 199 -11.86 -12.68 7.54
N PHE C 200 -12.07 -13.90 8.04
CA PHE C 200 -11.27 -15.03 7.58
C PHE C 200 -12.17 -16.04 6.86
N ASP C 201 -11.92 -16.25 5.58
CA ASP C 201 -12.72 -17.20 4.79
C ASP C 201 -11.81 -18.22 4.11
N ILE C 202 -12.09 -19.52 4.27
CA ILE C 202 -11.28 -20.56 3.61
C ILE C 202 -12.04 -21.22 2.47
N SER C 203 -11.36 -21.43 1.36
CA SER C 203 -11.99 -22.03 0.21
C SER C 203 -11.16 -23.12 -0.43
N ILE C 204 -11.77 -24.28 -0.65
CA ILE C 204 -11.09 -25.39 -1.33
C ILE C 204 -11.81 -25.52 -2.67
N ILE C 205 -11.11 -25.17 -3.73
CA ILE C 205 -11.70 -25.22 -5.03
C ILE C 205 -10.91 -26.14 -5.95
N GLU C 206 -11.65 -26.77 -6.88
CA GLU C 206 -11.12 -27.69 -7.91
C GLU C 206 -11.15 -27.06 -9.32
N ILE C 207 -9.99 -27.03 -9.97
CA ILE C 207 -9.89 -26.47 -11.30
C ILE C 207 -9.80 -27.64 -12.28
N ASP C 208 -10.88 -28.42 -12.39
CA ASP C 208 -10.89 -29.57 -13.31
C ASP C 208 -10.47 -29.20 -14.75
N GLU C 209 -9.28 -29.62 -15.17
CA GLU C 209 -8.80 -29.31 -16.51
C GLU C 209 -8.97 -30.44 -17.52
N LYS C 214 -10.94 -25.88 -18.84
CA LYS C 214 -10.44 -25.47 -17.54
C LYS C 214 -11.58 -24.95 -16.67
N THR C 215 -12.18 -25.85 -15.90
CA THR C 215 -13.28 -25.50 -15.00
C THR C 215 -12.82 -25.09 -13.58
N PHE C 216 -13.73 -24.46 -12.82
CA PHE C 216 -13.43 -24.02 -11.46
C PHE C 216 -14.58 -24.46 -10.57
N GLU C 217 -14.28 -25.08 -9.44
CA GLU C 217 -15.37 -25.54 -8.59
C GLU C 217 -15.18 -25.53 -7.09
N VAL C 218 -15.98 -24.68 -6.44
CA VAL C 218 -15.94 -24.59 -4.99
C VAL C 218 -16.24 -25.99 -4.46
N LEU C 219 -15.20 -26.62 -3.91
CA LEU C 219 -15.28 -27.97 -3.34
C LEU C 219 -15.73 -27.91 -1.85
N ALA C 220 -15.22 -26.95 -1.09
CA ALA C 220 -15.59 -26.76 0.31
C ALA C 220 -15.23 -25.36 0.80
N THR C 221 -16.20 -24.65 1.38
CA THR C 221 -15.98 -23.29 1.89
C THR C 221 -16.39 -23.09 3.35
N ASN C 222 -15.48 -22.50 4.12
CA ASN C 222 -15.70 -22.21 5.53
C ASN C 222 -14.84 -20.98 5.94
N GLY C 223 -15.26 -20.25 6.97
CA GLY C 223 -14.48 -19.11 7.41
C GLY C 223 -15.14 -18.42 8.58
N ASP C 224 -14.53 -17.37 9.11
CA ASP C 224 -15.12 -16.62 10.22
C ASP C 224 -15.60 -15.20 9.83
N THR C 225 -16.56 -14.69 10.59
CA THR C 225 -17.12 -13.35 10.37
C THR C 225 -16.35 -12.39 11.27
N HIS C 226 -15.83 -12.89 12.39
CA HIS C 226 -15.08 -12.05 13.32
C HIS C 226 -13.67 -12.58 13.48
N LEU C 227 -12.81 -12.33 12.51
CA LEU C 227 -11.47 -12.85 12.65
C LEU C 227 -10.57 -12.36 11.53
N GLY C 228 -9.75 -11.37 11.85
CA GLY C 228 -8.82 -10.83 10.88
C GLY C 228 -7.88 -9.94 11.62
N GLY C 229 -7.01 -9.24 10.88
CA GLY C 229 -6.05 -8.35 11.51
C GLY C 229 -6.64 -7.50 12.61
N GLU C 230 -7.66 -6.72 12.29
CA GLU C 230 -8.31 -5.86 13.28
C GLU C 230 -8.50 -6.58 14.63
N ASP C 231 -8.63 -7.90 14.58
CA ASP C 231 -8.80 -8.69 15.79
C ASP C 231 -7.41 -9.08 16.32
N PHE C 232 -6.47 -9.25 15.41
CA PHE C 232 -5.11 -9.57 15.82
C PHE C 232 -4.56 -8.31 16.48
N ASP C 233 -5.03 -7.15 16.03
CA ASP C 233 -4.63 -5.86 16.60
C ASP C 233 -5.07 -5.72 18.03
N SER C 234 -6.37 -5.86 18.28
CA SER C 234 -6.90 -5.72 19.64
C SER C 234 -6.19 -6.58 20.68
N ARG C 235 -5.49 -7.61 20.21
CA ARG C 235 -4.73 -8.47 21.09
C ARG C 235 -3.54 -7.67 21.59
N LEU C 236 -2.76 -7.12 20.66
CA LEU C 236 -1.61 -6.32 21.05
C LEU C 236 -2.03 -5.07 21.85
N ILE C 237 -3.06 -4.36 21.38
CA ILE C 237 -3.53 -3.15 22.10
C ILE C 237 -3.72 -3.50 23.59
N ASN C 238 -4.59 -4.48 23.84
CA ASN C 238 -4.90 -4.93 25.19
C ASN C 238 -3.71 -5.37 25.99
N TYR C 239 -2.87 -6.22 25.40
CA TYR C 239 -1.67 -6.63 26.09
C TYR C 239 -1.04 -5.40 26.73
N LEU C 240 -0.95 -4.36 25.90
CA LEU C 240 -0.39 -3.10 26.30
C LEU C 240 -1.18 -2.40 27.40
N VAL C 241 -2.49 -2.37 27.28
CA VAL C 241 -3.27 -1.72 28.32
C VAL C 241 -3.08 -2.39 29.68
N GLU C 242 -3.02 -3.72 29.65
CA GLU C 242 -2.84 -4.56 30.85
C GLU C 242 -1.46 -4.41 31.44
N GLU C 243 -0.47 -4.45 30.55
CA GLU C 243 0.94 -4.30 30.91
C GLU C 243 1.19 -2.99 31.65
N PHE C 244 0.59 -1.92 31.15
CA PHE C 244 0.73 -0.62 31.77
C PHE C 244 0.18 -0.69 33.19
N LYS C 245 -1.03 -1.24 33.31
CA LYS C 245 -1.71 -1.38 34.60
C LYS C 245 -0.88 -2.15 35.63
N LYS C 246 -0.20 -3.19 35.17
CA LYS C 246 0.66 -3.98 36.05
C LYS C 246 1.87 -3.14 36.45
N ASP C 247 2.55 -2.56 35.47
CA ASP C 247 3.72 -1.74 35.73
C ASP C 247 3.45 -0.32 36.26
N GLN C 248 2.19 0.13 36.25
CA GLN C 248 1.92 1.49 36.71
C GLN C 248 0.56 1.78 37.37
N GLY C 249 -0.30 0.77 37.46
CA GLY C 249 -1.60 0.93 38.07
C GLY C 249 -2.61 1.81 37.37
N ILE C 250 -2.46 1.97 36.06
CA ILE C 250 -3.38 2.80 35.26
C ILE C 250 -4.17 2.08 34.15
N ASP C 251 -5.40 2.55 33.94
CA ASP C 251 -6.25 1.99 32.91
C ASP C 251 -6.35 2.98 31.75
N LEU C 252 -5.59 2.72 30.69
CA LEU C 252 -5.61 3.60 29.53
C LEU C 252 -6.96 3.48 28.85
N ARG C 253 -7.66 2.39 29.11
CA ARG C 253 -8.95 2.18 28.50
C ARG C 253 -9.81 3.40 28.75
N ASN C 254 -9.89 3.76 30.01
CA ASN C 254 -10.67 4.92 30.40
C ASN C 254 -10.44 6.11 29.46
N ASP C 255 -9.21 6.19 28.95
CA ASP C 255 -8.78 7.29 28.10
C ASP C 255 -8.89 7.23 26.58
N PRO C 256 -9.73 8.08 25.99
CA PRO C 256 -9.90 8.07 24.53
C PRO C 256 -8.61 8.44 23.81
N LEU C 257 -8.07 9.60 24.17
CA LEU C 257 -6.84 10.08 23.54
C LEU C 257 -5.70 9.06 23.58
N ALA C 258 -5.51 8.44 24.73
CA ALA C 258 -4.45 7.46 24.94
C ALA C 258 -4.72 6.16 24.22
N MET C 259 -5.97 5.78 24.17
CA MET C 259 -6.36 4.56 23.50
C MET C 259 -6.16 4.68 21.97
N GLN C 260 -6.74 5.71 21.38
CA GLN C 260 -6.62 5.95 19.95
C GLN C 260 -5.16 6.01 19.56
N ARG C 261 -4.35 6.51 20.49
CA ARG C 261 -2.92 6.64 20.30
C ARG C 261 -2.18 5.31 20.36
N LEU C 262 -2.58 4.52 21.34
CA LEU C 262 -1.97 3.23 21.59
C LEU C 262 -2.40 2.27 20.49
N LYS C 263 -3.59 2.49 19.96
CA LYS C 263 -4.12 1.64 18.92
C LYS C 263 -3.23 1.62 17.68
N GLU C 264 -2.85 2.80 17.25
CA GLU C 264 -2.00 2.91 16.07
C GLU C 264 -0.62 2.37 16.35
N ALA C 265 -0.04 2.73 17.48
CA ALA C 265 1.28 2.22 17.84
C ALA C 265 1.31 0.68 17.81
N ALA C 266 0.27 0.08 18.37
CA ALA C 266 0.12 -1.38 18.41
C ALA C 266 0.09 -1.85 16.98
N GLU C 267 -0.68 -1.15 16.16
CA GLU C 267 -0.80 -1.49 14.76
C GLU C 267 0.55 -1.36 14.04
N LYS C 268 1.31 -0.31 14.34
CA LYS C 268 2.61 -0.15 13.68
C LYS C 268 3.55 -1.20 14.25
N ALA C 269 3.34 -1.55 15.52
CA ALA C 269 4.14 -2.58 16.18
C ALA C 269 3.86 -3.92 15.48
N LYS C 270 2.61 -4.37 15.54
CA LYS C 270 2.21 -5.61 14.90
C LYS C 270 2.84 -5.80 13.51
N ILE C 271 2.87 -4.76 12.67
CA ILE C 271 3.48 -4.90 11.34
C ILE C 271 5.00 -5.03 11.39
N GLU C 272 5.64 -4.20 12.23
CA GLU C 272 7.09 -4.25 12.35
C GLU C 272 7.54 -5.60 12.89
N LEU C 273 6.74 -6.22 13.75
CA LEU C 273 7.09 -7.53 14.33
C LEU C 273 6.91 -8.70 13.37
N SER C 274 7.24 -8.50 12.11
CA SER C 274 7.10 -9.58 11.15
C SER C 274 8.26 -9.51 10.18
N SER C 275 9.20 -8.67 10.55
CA SER C 275 10.41 -8.45 9.78
C SER C 275 11.49 -8.08 10.81
N ALA C 276 11.12 -8.19 12.07
CA ALA C 276 12.01 -7.91 13.18
C ALA C 276 11.64 -8.91 14.28
N GLN C 277 12.46 -8.98 15.33
CA GLN C 277 12.19 -9.92 16.42
C GLN C 277 11.54 -9.26 17.63
N GLN C 278 11.70 -7.94 17.71
CA GLN C 278 11.13 -7.16 18.79
C GLN C 278 11.04 -5.71 18.34
N THR C 279 10.09 -4.97 18.89
CA THR C 279 9.98 -3.57 18.57
C THR C 279 9.61 -2.86 19.86
N ASP C 280 9.47 -1.53 19.81
CA ASP C 280 9.19 -0.76 21.03
C ASP C 280 7.96 0.13 20.98
N VAL C 281 6.98 -0.13 21.83
CA VAL C 281 5.83 0.74 21.82
C VAL C 281 6.25 1.92 22.67
N ASN C 282 6.76 2.96 22.02
CA ASN C 282 7.21 4.14 22.74
C ASN C 282 6.23 5.33 22.67
N LEU C 283 5.47 5.51 23.75
CA LEU C 283 4.51 6.61 23.82
C LEU C 283 4.76 7.50 25.02
N PRO C 284 5.55 8.57 24.85
CA PRO C 284 5.80 9.46 25.97
C PRO C 284 4.48 10.10 26.38
N TYR C 285 4.45 10.72 27.55
CA TYR C 285 3.24 11.37 28.03
C TYR C 285 1.96 10.61 27.64
N ILE C 286 1.97 9.30 27.83
CA ILE C 286 0.81 8.48 27.50
C ILE C 286 -0.43 8.86 28.32
N THR C 287 -0.21 9.37 29.53
CA THR C 287 -1.27 9.83 30.45
C THR C 287 -0.69 10.55 31.65
N ALA C 288 -1.52 10.65 32.68
CA ALA C 288 -1.12 11.32 33.90
C ALA C 288 -2.12 11.07 35.02
N ASP C 289 -1.68 11.22 36.26
CA ASP C 289 -2.58 11.00 37.37
C ASP C 289 -2.16 11.84 38.56
N ALA C 290 -2.57 11.44 39.77
CA ALA C 290 -2.21 12.22 40.95
C ALA C 290 -0.71 12.24 41.18
N THR C 291 -0.02 11.18 40.76
CA THR C 291 1.42 11.07 40.94
C THR C 291 2.25 11.64 39.78
N GLY C 292 1.67 12.55 39.01
CA GLY C 292 2.40 13.13 37.88
C GLY C 292 2.17 12.43 36.54
N PRO C 293 2.86 12.89 35.49
CA PRO C 293 2.73 12.31 34.15
C PRO C 293 3.34 10.93 34.01
N LYS C 294 2.73 10.15 33.11
CA LYS C 294 3.10 8.77 32.79
C LYS C 294 3.56 8.57 31.33
N HIS C 295 4.57 7.74 31.14
CA HIS C 295 5.09 7.48 29.80
C HIS C 295 5.04 5.99 29.54
N MET C 296 4.79 5.61 28.31
CA MET C 296 4.73 4.20 28.00
C MET C 296 5.89 3.82 27.12
N ASN C 297 6.59 2.76 27.53
CA ASN C 297 7.72 2.17 26.81
C ASN C 297 7.73 0.65 27.06
N ILE C 298 7.17 -0.12 26.14
CA ILE C 298 7.12 -1.57 26.25
C ILE C 298 7.94 -2.19 25.14
N LYS C 299 8.34 -3.44 25.36
CA LYS C 299 9.10 -4.20 24.38
C LYS C 299 8.22 -5.41 24.00
N VAL C 300 7.91 -5.54 22.71
CA VAL C 300 7.12 -6.67 22.25
C VAL C 300 7.97 -7.40 21.26
N THR C 301 8.00 -8.71 21.44
CA THR C 301 8.79 -9.60 20.60
C THR C 301 7.90 -10.40 19.68
N ARG C 302 8.45 -10.82 18.55
CA ARG C 302 7.68 -11.64 17.63
C ARG C 302 6.94 -12.59 18.57
N ALA C 303 7.72 -13.21 19.45
CA ALA C 303 7.19 -14.19 20.38
C ALA C 303 6.04 -13.75 21.27
N LYS C 304 6.14 -12.61 21.92
CA LYS C 304 5.04 -12.21 22.78
C LYS C 304 3.80 -12.05 21.90
N LEU C 305 3.93 -11.24 20.85
CA LEU C 305 2.83 -10.99 19.92
C LEU C 305 2.17 -12.34 19.60
N GLU C 306 2.96 -13.26 19.04
CA GLU C 306 2.53 -14.60 18.65
C GLU C 306 1.73 -15.25 19.74
N SER C 307 2.29 -15.20 20.95
CA SER C 307 1.65 -15.75 22.13
C SER C 307 0.30 -15.06 22.32
N LEU C 308 0.24 -13.78 21.97
CA LEU C 308 -0.98 -12.99 22.09
C LEU C 308 -2.07 -13.33 21.05
N VAL C 309 -1.61 -13.70 19.84
CA VAL C 309 -2.47 -14.05 18.71
C VAL C 309 -2.60 -15.53 18.38
N GLU C 310 -2.19 -16.40 19.30
CA GLU C 310 -2.25 -17.85 19.09
C GLU C 310 -3.62 -18.46 18.77
N ASP C 311 -4.52 -18.46 19.76
CA ASP C 311 -5.86 -19.03 19.57
C ASP C 311 -6.62 -18.48 18.36
N LEU C 312 -6.18 -17.36 17.84
CA LEU C 312 -6.84 -16.78 16.68
C LEU C 312 -6.22 -17.41 15.43
N VAL C 313 -4.93 -17.69 15.46
CA VAL C 313 -4.32 -18.32 14.29
C VAL C 313 -4.72 -19.78 14.27
N ASN C 314 -4.88 -20.37 15.44
CA ASN C 314 -5.27 -21.76 15.49
C ASN C 314 -6.78 -21.90 15.23
N ARG C 315 -7.55 -20.89 15.58
CA ARG C 315 -8.98 -20.96 15.33
C ARG C 315 -9.22 -21.04 13.81
N SER C 316 -8.32 -20.41 13.07
CA SER C 316 -8.40 -20.39 11.63
C SER C 316 -8.23 -21.81 11.14
N ILE C 317 -7.16 -22.45 11.59
CA ILE C 317 -6.87 -23.82 11.22
C ILE C 317 -7.93 -24.84 11.63
N GLU C 318 -8.43 -24.77 12.86
CA GLU C 318 -9.46 -25.71 13.26
C GLU C 318 -10.58 -25.65 12.22
N LEU C 319 -10.77 -24.49 11.61
CA LEU C 319 -11.80 -24.33 10.58
C LEU C 319 -11.26 -24.87 9.27
N LEU C 320 -9.93 -24.88 9.18
CA LEU C 320 -9.21 -25.39 8.03
C LEU C 320 -9.40 -26.92 8.04
N LYS C 321 -9.70 -27.43 9.23
CA LYS C 321 -9.94 -28.85 9.45
C LYS C 321 -11.34 -29.24 8.95
N VAL C 322 -12.38 -28.56 9.41
CA VAL C 322 -13.74 -28.90 8.93
C VAL C 322 -13.94 -28.59 7.44
N ALA C 323 -13.09 -27.75 6.86
CA ALA C 323 -13.20 -27.44 5.44
C ALA C 323 -12.82 -28.66 4.60
N LEU C 324 -11.85 -29.44 5.10
CA LEU C 324 -11.40 -30.64 4.42
C LEU C 324 -12.25 -31.86 4.82
N GLN C 325 -12.81 -31.83 6.02
CA GLN C 325 -13.65 -32.94 6.49
C GLN C 325 -14.91 -32.95 5.63
N ASP C 326 -15.36 -31.77 5.22
CA ASP C 326 -16.55 -31.67 4.38
C ASP C 326 -16.18 -31.98 2.93
N ALA C 327 -14.91 -31.76 2.59
CA ALA C 327 -14.43 -32.03 1.25
C ALA C 327 -13.75 -33.40 1.20
N GLY C 328 -13.94 -34.17 2.26
CA GLY C 328 -13.35 -35.50 2.37
C GLY C 328 -11.95 -35.74 1.80
N LEU C 329 -11.00 -34.85 2.09
CA LEU C 329 -9.63 -35.03 1.60
C LEU C 329 -8.58 -34.77 2.66
N SER C 330 -7.35 -35.20 2.36
CA SER C 330 -6.22 -35.01 3.27
C SER C 330 -5.35 -33.88 2.69
N VAL C 331 -4.50 -33.27 3.52
CA VAL C 331 -3.64 -32.20 3.01
C VAL C 331 -2.90 -32.60 1.74
N SER C 332 -2.92 -33.91 1.45
CA SER C 332 -2.25 -34.45 0.26
C SER C 332 -3.08 -34.17 -1.00
N ASP C 333 -4.38 -34.44 -0.90
CA ASP C 333 -5.31 -34.20 -1.99
C ASP C 333 -5.15 -32.77 -2.48
N ILE C 334 -4.77 -31.89 -1.56
CA ILE C 334 -4.56 -30.47 -1.85
C ILE C 334 -3.26 -30.31 -2.61
N ASP C 335 -3.35 -29.96 -3.88
CA ASP C 335 -2.16 -29.81 -4.69
C ASP C 335 -1.53 -28.42 -4.53
N ASP C 336 -2.37 -27.44 -4.17
CA ASP C 336 -1.94 -26.05 -3.98
C ASP C 336 -2.74 -25.27 -2.93
N VAL C 337 -2.03 -24.43 -2.16
CA VAL C 337 -2.68 -23.59 -1.14
C VAL C 337 -2.15 -22.14 -1.24
N ILE C 338 -3.05 -21.20 -1.53
CA ILE C 338 -2.66 -19.80 -1.65
C ILE C 338 -3.19 -18.93 -0.50
N LEU C 339 -2.42 -17.90 -0.19
CA LEU C 339 -2.77 -16.98 0.87
C LEU C 339 -3.30 -15.64 0.36
N VAL C 340 -4.24 -15.06 1.08
CA VAL C 340 -4.84 -13.81 0.67
C VAL C 340 -5.27 -13.01 1.87
N GLY C 341 -4.61 -11.88 2.10
CA GLY C 341 -5.01 -11.06 3.23
C GLY C 341 -3.85 -10.48 4.00
N GLY C 342 -3.31 -9.36 3.56
CA GLY C 342 -2.18 -8.74 4.25
C GLY C 342 -1.74 -9.30 5.60
N GLN C 343 -2.71 -9.72 6.42
CA GLN C 343 -2.43 -10.31 7.74
C GLN C 343 -1.72 -11.66 7.66
N THR C 344 -1.81 -12.31 6.51
CA THR C 344 -1.15 -13.59 6.32
C THR C 344 0.35 -13.33 6.17
N ARG C 345 0.73 -12.06 6.27
CA ARG C 345 2.14 -11.75 6.15
C ARG C 345 2.83 -12.10 7.45
N MET C 346 2.03 -12.36 8.47
CA MET C 346 2.60 -12.73 9.76
C MET C 346 3.24 -14.12 9.69
N PRO C 347 4.54 -14.22 9.99
CA PRO C 347 5.26 -15.50 9.96
C PRO C 347 4.41 -16.63 10.53
N MET C 348 4.00 -16.49 11.80
CA MET C 348 3.22 -17.51 12.48
C MET C 348 2.02 -18.11 11.74
N VAL C 349 1.30 -17.32 10.96
CA VAL C 349 0.18 -17.87 10.20
C VAL C 349 0.79 -18.54 8.98
N GLN C 350 1.75 -17.88 8.34
CA GLN C 350 2.39 -18.51 7.19
C GLN C 350 2.74 -19.96 7.57
N LYS C 351 3.42 -20.09 8.70
CA LYS C 351 3.87 -21.38 9.25
C LYS C 351 2.70 -22.28 9.62
N LYS C 352 2.11 -22.01 10.77
CA LYS C 352 0.98 -22.80 11.27
C LYS C 352 0.12 -23.38 10.13
N VAL C 353 0.14 -22.70 8.98
CA VAL C 353 -0.62 -23.15 7.83
C VAL C 353 0.28 -24.07 7.02
N ALA C 354 1.53 -23.68 6.84
CA ALA C 354 2.44 -24.52 6.10
C ALA C 354 2.52 -25.91 6.74
N GLU C 355 2.26 -25.98 8.04
CA GLU C 355 2.30 -27.24 8.79
C GLU C 355 1.02 -28.09 8.66
N PHE C 356 -0.13 -27.44 8.60
CA PHE C 356 -1.36 -28.18 8.49
C PHE C 356 -1.59 -28.67 7.07
N PHE C 357 -0.80 -28.18 6.14
CA PHE C 357 -0.98 -28.64 4.77
C PHE C 357 0.26 -29.35 4.30
N GLY C 358 1.30 -29.31 5.13
CA GLY C 358 2.56 -29.96 4.81
C GLY C 358 3.46 -29.13 3.90
N LYS C 359 2.97 -28.85 2.71
CA LYS C 359 3.72 -28.04 1.75
C LYS C 359 3.61 -26.56 2.10
N GLU C 360 4.60 -25.78 1.71
CA GLU C 360 4.56 -24.36 2.00
C GLU C 360 3.51 -23.64 1.15
N PRO C 361 2.68 -22.77 1.76
CA PRO C 361 1.70 -22.11 0.90
C PRO C 361 2.45 -21.17 -0.02
N ARG C 362 1.95 -20.99 -1.24
CA ARG C 362 2.61 -20.08 -2.18
C ARG C 362 2.12 -18.64 -2.04
N LYS C 363 3.06 -17.70 -2.14
CA LYS C 363 2.73 -16.29 -2.02
C LYS C 363 3.55 -15.46 -2.99
N ASP C 364 3.96 -16.05 -4.11
CA ASP C 364 4.74 -15.28 -5.06
C ASP C 364 3.97 -14.01 -5.46
N VAL C 365 2.67 -13.99 -5.17
CA VAL C 365 1.82 -12.84 -5.51
C VAL C 365 1.20 -12.09 -4.33
N ASN C 366 1.46 -10.80 -4.28
CA ASN C 366 0.95 -9.94 -3.22
C ASN C 366 -0.40 -10.33 -2.58
N PRO C 367 -0.38 -10.77 -1.31
CA PRO C 367 -1.57 -11.18 -0.55
C PRO C 367 -2.79 -10.26 -0.56
N ASP C 368 -2.57 -8.96 -0.77
CA ASP C 368 -3.70 -8.02 -0.81
C ASP C 368 -4.02 -7.49 -2.21
N GLU C 369 -3.20 -7.87 -3.18
CA GLU C 369 -3.44 -7.45 -4.54
C GLU C 369 -3.90 -8.66 -5.35
N ALA C 370 -3.68 -9.85 -4.79
CA ALA C 370 -4.00 -11.08 -5.47
C ALA C 370 -5.38 -11.08 -6.07
N VAL C 371 -6.40 -11.24 -5.22
CA VAL C 371 -7.76 -11.31 -5.71
C VAL C 371 -8.16 -10.18 -6.68
N ALA C 372 -7.56 -9.00 -6.52
CA ALA C 372 -7.84 -7.88 -7.41
C ALA C 372 -7.22 -8.17 -8.78
N ILE C 373 -6.03 -8.74 -8.77
CA ILE C 373 -5.33 -9.10 -10.00
C ILE C 373 -6.05 -10.26 -10.68
N GLY C 374 -6.56 -11.20 -9.88
CA GLY C 374 -7.26 -12.31 -10.47
C GLY C 374 -8.35 -11.70 -11.31
N ALA C 375 -9.15 -10.86 -10.66
CA ALA C 375 -10.27 -10.18 -11.31
C ALA C 375 -9.88 -9.38 -12.56
N ALA C 376 -8.63 -8.96 -12.65
CA ALA C 376 -8.19 -8.19 -13.82
C ALA C 376 -7.88 -9.08 -14.99
N VAL C 377 -7.32 -10.25 -14.70
CA VAL C 377 -6.94 -11.21 -15.72
C VAL C 377 -8.14 -11.90 -16.33
N GLN C 378 -9.16 -12.15 -15.52
CA GLN C 378 -10.38 -12.79 -16.00
C GLN C 378 -10.98 -11.88 -17.03
N GLY C 379 -11.40 -10.70 -16.59
CA GLY C 379 -11.96 -9.75 -17.53
C GLY C 379 -10.86 -9.46 -18.54
N GLY C 380 -9.67 -9.92 -18.21
CA GLY C 380 -8.55 -9.71 -19.09
C GLY C 380 -8.87 -10.16 -20.50
N VAL C 381 -7.82 -10.52 -21.23
CA VAL C 381 -7.97 -10.97 -22.62
C VAL C 381 -9.13 -11.95 -22.74
N LEU C 382 -9.54 -12.52 -21.62
CA LEU C 382 -10.66 -13.47 -21.63
C LEU C 382 -11.97 -12.73 -21.98
N THR C 383 -12.61 -12.08 -21.02
CA THR C 383 -13.85 -11.38 -21.34
C THR C 383 -13.52 -10.22 -22.26
#